data_4DO6
#
_entry.id   4DO6
#
_cell.length_a   153.309
_cell.length_b   114.304
_cell.length_c   68.574
_cell.angle_alpha   90.000
_cell.angle_beta   96.430
_cell.angle_gamma   90.000
#
_symmetry.space_group_name_H-M   'C 1 2 1'
#
loop_
_entity.id
_entity.type
_entity.pdbx_description
1 polymer Alpha-N-acetylgalactosaminidase
2 branched beta-D-mannopyranose-(1-4)-2-acetamido-2-deoxy-beta-D-glucopyranose-(1-4)-2-acetamido-2-deoxy-beta-D-glucopyranose
3 branched alpha-D-mannopyranose-(1-3)-[alpha-D-mannopyranose-(1-6)]beta-D-mannopyranose-(1-4)-2-acetamido-2-deoxy-beta-D-glucopyranose-(1-4)-2-acetamido-2-deoxy-beta-D-glucopyranose
4 branched 2-acetamido-2-deoxy-beta-D-glucopyranose-(1-4)-[alpha-L-fucopyranose-(1-6)]2-acetamido-2-deoxy-beta-D-glucopyranose
5 non-polymer 2-acetamido-2-deoxy-beta-D-glucopyranose
6 non-polymer 'CITRIC ACID'
7 non-polymer alpha-D-glucopyranose
8 non-polymer 'NONAETHYLENE GLYCOL'
9 non-polymer beta-D-glucopyranose
10 water water
#
_entity_poly.entity_id   1
_entity_poly.type   'polypeptide(L)'
_entity_poly.pdbx_seq_one_letter_code
;LDNGLLQTPPMGWLAWERFRCNINCDEDPKNCISEQLFMEMADRMAQDGWRDMGYTYLNIDDCWIGGRDASGRLMPDPKR
FPHGIPFLADYVHSLGLKLGIYADMGNFTCMGYPGTTLDKVVQDAQTFAEWKVDMLKLDGCFSTPEERAQGYPKMAAALN
ATGRPIAFSCSWPAYEGGLPPRVQYSLLADICNLWRNYDDIQDSWWSVLSILNWFVEHQDILQPVAGPGHWNDPDMLLIG
NFGLSLEQSRAQMALWTVLAAPLLMSTDLRTISAQNMDILQNPLMIKINQDPLGIQGRRIHKEKSLIEVYMRPLSNKASA
LVFFSCRTDMPYRYHSSLGQLNFTGSVIYEAQDVYSGDIISGLRDETNFTVIINPSGVVMWYLYPIKNLEMSQQHHHHHH
;
_entity_poly.pdbx_strand_id   A,B
#
# COMPACT_ATOMS: atom_id res chain seq x y z
N LEU A 1 33.21 12.29 -4.46
CA LEU A 1 33.87 13.30 -5.36
C LEU A 1 34.39 14.43 -4.49
N ASP A 2 35.67 14.77 -4.63
CA ASP A 2 36.37 15.67 -3.69
C ASP A 2 36.21 17.15 -4.03
N ASN A 3 34.95 17.58 -4.15
CA ASN A 3 34.63 18.96 -4.54
C ASN A 3 34.09 19.78 -3.36
N GLY A 4 34.20 19.22 -2.15
CA GLY A 4 33.74 19.88 -0.93
C GLY A 4 32.25 19.79 -0.68
N LEU A 5 31.51 19.19 -1.60
CA LEU A 5 30.04 19.22 -1.53
C LEU A 5 29.47 17.93 -0.94
N LEU A 6 28.26 18.04 -0.39
CA LEU A 6 27.50 16.88 0.08
C LEU A 6 28.30 16.04 1.10
N GLN A 7 28.88 16.74 2.07
CA GLN A 7 29.54 16.10 3.20
C GLN A 7 28.51 15.39 4.10
N THR A 8 27.24 15.76 3.93
CA THR A 8 26.09 14.98 4.40
C THR A 8 25.20 14.69 3.19
N PRO A 9 24.29 13.72 3.31
CA PRO A 9 23.47 13.40 2.14
C PRO A 9 22.60 14.61 1.70
N PRO A 10 22.40 14.76 0.39
CA PRO A 10 21.59 15.90 -0.07
C PRO A 10 20.14 15.74 0.34
N MET A 11 19.52 16.86 0.67
CA MET A 11 18.10 16.89 0.96
C MET A 11 17.47 17.88 0.02
N GLY A 12 16.31 17.51 -0.51
CA GLY A 12 15.59 18.43 -1.36
C GLY A 12 14.37 17.80 -1.99
N TRP A 13 14.06 18.28 -3.19
CA TRP A 13 12.85 17.91 -3.94
C TRP A 13 13.24 17.73 -5.39
N LEU A 14 12.72 16.67 -6.00
CA LEU A 14 13.03 16.28 -7.38
C LEU A 14 11.68 16.09 -8.06
N ALA A 15 11.52 16.57 -9.29
CA ALA A 15 10.22 16.56 -9.94
C ALA A 15 9.72 15.18 -10.38
N TRP A 16 10.63 14.24 -10.60
CA TRP A 16 10.32 13.08 -11.42
C TRP A 16 9.23 12.15 -10.92
N GLU A 17 9.35 11.65 -9.69
CA GLU A 17 8.46 10.57 -9.27
C GLU A 17 7.00 11.00 -9.37
N ARG A 18 6.68 12.18 -8.85
CA ARG A 18 5.30 12.65 -8.81
C ARG A 18 4.81 13.25 -10.13
N PHE A 19 5.67 14.00 -10.83
CA PHE A 19 5.22 14.78 -11.99
C PHE A 19 5.63 14.23 -13.34
N ARG A 20 6.63 13.36 -13.33
CA ARG A 20 7.06 12.58 -14.48
C ARG A 20 7.30 13.45 -15.72
N CYS A 21 6.79 13.02 -16.88
CA CYS A 21 7.02 13.73 -18.13
C CYS A 21 5.74 14.43 -18.61
N ASN A 22 5.03 15.05 -17.68
CA ASN A 22 3.78 15.75 -18.02
C ASN A 22 4.11 17.09 -18.67
N ILE A 23 3.91 17.17 -19.97
CA ILE A 23 4.20 18.40 -20.71
C ILE A 23 2.95 19.05 -21.28
N ASN A 24 1.79 18.57 -20.85
CA ASN A 24 0.52 19.07 -21.34
C ASN A 24 0.08 20.28 -20.53
N CYS A 25 0.72 21.42 -20.78
CA CYS A 25 0.41 22.61 -19.98
C CYS A 25 -0.92 23.24 -20.39
N ASP A 26 -1.36 22.99 -21.62
CA ASP A 26 -2.69 23.47 -22.05
C ASP A 26 -3.82 22.85 -21.23
N GLU A 27 -3.80 21.52 -21.07
CA GLU A 27 -4.84 20.80 -20.32
C GLU A 27 -4.57 20.74 -18.81
N ASP A 28 -3.30 20.78 -18.41
CA ASP A 28 -2.94 20.50 -17.02
C ASP A 28 -1.86 21.47 -16.50
N PRO A 29 -2.18 22.78 -16.52
CA PRO A 29 -1.17 23.82 -16.24
C PRO A 29 -0.56 23.79 -14.83
N LYS A 30 -1.29 23.25 -13.86
CA LYS A 30 -0.81 23.25 -12.47
C LYS A 30 0.20 22.15 -12.20
N ASN A 31 0.21 21.12 -13.04
CA ASN A 31 1.02 19.92 -12.80
C ASN A 31 2.03 19.58 -13.89
N CYS A 32 2.07 20.36 -14.96
CA CYS A 32 3.05 20.10 -16.02
C CYS A 32 4.44 20.57 -15.60
N ILE A 33 5.45 19.98 -16.25
CA ILE A 33 6.84 20.34 -16.04
C ILE A 33 7.06 21.71 -16.67
N SER A 34 7.17 22.73 -15.82
CA SER A 34 7.23 24.11 -16.30
C SER A 34 7.89 25.00 -15.26
N GLU A 35 8.32 26.18 -15.71
CA GLU A 35 8.86 27.21 -14.81
C GLU A 35 7.92 27.46 -13.62
N GLN A 36 6.62 27.55 -13.89
CA GLN A 36 5.62 27.78 -12.85
C GLN A 36 5.66 26.70 -11.76
N LEU A 37 5.75 25.43 -12.15
CA LEU A 37 5.79 24.33 -11.17
C LEU A 37 6.97 24.52 -10.23
N PHE A 38 8.15 24.79 -10.78
CA PHE A 38 9.35 24.92 -9.96
C PHE A 38 9.31 26.15 -9.07
N MET A 39 8.79 27.27 -9.58
CA MET A 39 8.66 28.46 -8.78
C MET A 39 7.71 28.23 -7.61
N GLU A 40 6.60 27.56 -7.87
CA GLU A 40 5.64 27.27 -6.80
C GLU A 40 6.20 26.33 -5.73
N MET A 41 6.95 25.32 -6.17
CA MET A 41 7.59 24.40 -5.24
C MET A 41 8.66 25.15 -4.43
N ALA A 42 9.42 26.02 -5.08
CA ALA A 42 10.42 26.83 -4.38
C ALA A 42 9.76 27.69 -3.32
N ASP A 43 8.63 28.30 -3.68
CA ASP A 43 7.88 29.11 -2.72
C ASP A 43 7.46 28.29 -1.48
N ARG A 44 6.96 27.08 -1.71
CA ARG A 44 6.57 26.22 -0.59
C ARG A 44 7.79 25.83 0.26
N MET A 45 8.92 25.56 -0.38
CA MET A 45 10.12 25.19 0.36
C MET A 45 10.59 26.32 1.27
N ALA A 46 10.50 27.55 0.76
CA ALA A 46 10.88 28.74 1.53
C ALA A 46 9.91 29.05 2.63
N GLN A 47 8.62 28.83 2.39
CA GLN A 47 7.57 29.31 3.30
C GLN A 47 7.08 28.31 4.37
N ASP A 48 7.18 27.02 4.06
CA ASP A 48 6.54 25.98 4.87
C ASP A 48 7.54 25.13 5.65
N GLY A 49 8.74 25.67 5.86
CA GLY A 49 9.70 25.09 6.78
C GLY A 49 10.72 24.12 6.18
N TRP A 50 10.54 23.76 4.92
CA TRP A 50 11.38 22.77 4.29
C TRP A 50 12.84 23.19 4.26
N ARG A 51 13.11 24.37 3.71
CA ARG A 51 14.48 24.90 3.62
C ARG A 51 15.12 24.96 5.01
N ASP A 52 14.35 25.47 5.96
CA ASP A 52 14.85 25.67 7.33
C ASP A 52 15.19 24.33 8.02
N MET A 53 14.52 23.26 7.62
CA MET A 53 14.79 21.92 8.16
C MET A 53 15.92 21.20 7.42
N GLY A 54 16.39 21.77 6.29
CA GLY A 54 17.55 21.27 5.58
C GLY A 54 17.31 20.88 4.14
N TYR A 55 16.05 20.93 3.71
CA TYR A 55 15.69 20.59 2.33
C TYR A 55 16.02 21.77 1.43
N THR A 56 17.18 21.73 0.78
CA THR A 56 17.70 22.90 0.09
C THR A 56 17.77 22.77 -1.43
N TYR A 57 17.77 21.56 -1.96
CA TYR A 57 17.85 21.38 -3.41
C TYR A 57 16.45 21.33 -4.03
N LEU A 58 16.28 22.04 -5.13
CA LEU A 58 15.09 21.94 -5.98
C LEU A 58 15.56 21.51 -7.34
N ASN A 59 15.23 20.27 -7.72
CA ASN A 59 15.84 19.65 -8.90
C ASN A 59 14.87 19.36 -10.03
N ILE A 60 15.23 19.90 -11.19
CA ILE A 60 14.60 19.57 -12.46
C ILE A 60 15.07 18.17 -12.91
N ASP A 61 14.13 17.37 -13.41
CA ASP A 61 14.48 16.06 -14.00
C ASP A 61 14.25 16.11 -15.51
N ASP A 62 13.85 14.99 -16.11
CA ASP A 62 13.77 14.87 -17.55
C ASP A 62 12.64 15.77 -18.07
N CYS A 63 12.67 16.03 -19.37
CA CYS A 63 11.58 16.69 -20.10
C CYS A 63 11.58 18.23 -20.01
N TRP A 64 12.70 18.83 -19.58
CA TRP A 64 12.83 20.30 -19.55
C TRP A 64 13.38 20.89 -20.86
N ILE A 65 14.02 20.05 -21.68
CA ILE A 65 14.84 20.50 -22.80
C ILE A 65 14.00 20.82 -24.04
N GLY A 66 14.34 21.91 -24.71
CA GLY A 66 13.66 22.32 -25.93
C GLY A 66 14.40 21.98 -27.20
N GLY A 67 15.73 22.03 -27.15
CA GLY A 67 16.56 21.74 -28.32
C GLY A 67 17.93 22.35 -28.11
N ARG A 68 18.70 22.47 -29.19
CA ARG A 68 19.99 23.16 -29.13
C ARG A 68 19.95 24.27 -30.17
N ASP A 69 20.59 25.39 -29.84
CA ASP A 69 20.63 26.55 -30.75
C ASP A 69 21.70 26.39 -31.84
N ALA A 70 21.94 27.43 -32.63
CA ALA A 70 22.86 27.30 -33.77
C ALA A 70 24.32 27.02 -33.38
N SER A 71 24.70 27.32 -32.13
CA SER A 71 26.03 27.00 -31.62
C SER A 71 26.06 25.69 -30.85
N GLY A 72 24.94 24.96 -30.86
CA GLY A 72 24.82 23.70 -30.14
C GLY A 72 24.54 23.84 -28.66
N ARG A 73 24.14 25.04 -28.23
CA ARG A 73 23.90 25.32 -26.82
C ARG A 73 22.52 24.81 -26.42
N LEU A 74 22.45 24.12 -25.28
CA LEU A 74 21.18 23.55 -24.81
C LEU A 74 20.23 24.67 -24.44
N MET A 75 18.96 24.48 -24.76
CA MET A 75 17.90 25.41 -24.41
C MET A 75 16.74 24.65 -23.77
N PRO A 76 16.07 25.29 -22.79
CA PRO A 76 14.83 24.74 -22.26
C PRO A 76 13.70 24.90 -23.26
N ASP A 77 12.60 24.19 -23.02
CA ASP A 77 11.42 24.34 -23.88
C ASP A 77 10.87 25.75 -23.68
N PRO A 78 10.83 26.58 -24.72
CA PRO A 78 10.44 27.98 -24.56
C PRO A 78 8.98 28.20 -24.14
N LYS A 79 8.10 27.26 -24.45
CA LYS A 79 6.70 27.36 -24.05
C LYS A 79 6.54 27.12 -22.54
N ARG A 80 7.32 26.20 -21.99
CA ARG A 80 7.18 25.85 -20.58
C ARG A 80 8.17 26.55 -19.64
N PHE A 81 9.27 27.06 -20.20
CA PHE A 81 10.28 27.83 -19.46
C PHE A 81 10.55 29.14 -20.19
N PRO A 82 9.53 30.01 -20.28
CA PRO A 82 9.64 31.21 -21.11
C PRO A 82 10.76 32.15 -20.70
N HIS A 83 11.08 32.23 -19.40
CA HIS A 83 12.14 33.15 -18.95
C HIS A 83 13.53 32.52 -18.95
N GLY A 84 13.62 31.22 -19.20
CA GLY A 84 14.92 30.53 -19.26
C GLY A 84 15.43 30.06 -17.92
N ILE A 85 16.49 29.26 -17.94
CA ILE A 85 16.99 28.65 -16.71
C ILE A 85 17.72 29.63 -15.76
N PRO A 86 18.52 30.59 -16.27
CA PRO A 86 19.12 31.54 -15.34
C PRO A 86 18.08 32.25 -14.46
N PHE A 87 16.94 32.61 -15.06
CA PHE A 87 15.84 33.22 -14.29
C PHE A 87 15.42 32.32 -13.12
N LEU A 88 15.30 31.04 -13.39
CA LEU A 88 14.86 30.09 -12.38
C LEU A 88 15.92 29.88 -11.30
N ALA A 89 17.18 29.75 -11.73
CA ALA A 89 18.29 29.65 -10.79
C ALA A 89 18.35 30.87 -9.88
N ASP A 90 18.23 32.05 -10.48
CA ASP A 90 18.27 33.28 -9.73
C ASP A 90 17.10 33.37 -8.77
N TYR A 91 15.92 32.93 -9.21
CA TYR A 91 14.75 32.90 -8.31
C TYR A 91 14.97 31.99 -7.10
N VAL A 92 15.40 30.77 -7.36
CA VAL A 92 15.63 29.78 -6.31
C VAL A 92 16.72 30.27 -5.34
N HIS A 93 17.79 30.84 -5.88
CA HIS A 93 18.86 31.40 -5.03
C HIS A 93 18.36 32.52 -4.15
N SER A 94 17.42 33.32 -4.66
CA SER A 94 16.91 34.45 -3.87
C SER A 94 16.13 33.96 -2.65
N LEU A 95 15.67 32.70 -2.71
CA LEU A 95 14.94 32.09 -1.60
C LEU A 95 15.82 31.20 -0.72
N GLY A 96 17.14 31.21 -0.94
CA GLY A 96 18.06 30.43 -0.12
C GLY A 96 18.11 28.96 -0.49
N LEU A 97 17.70 28.65 -1.71
CA LEU A 97 17.68 27.29 -2.24
C LEU A 97 18.72 27.09 -3.33
N LYS A 98 18.91 25.83 -3.72
CA LYS A 98 19.85 25.43 -4.76
C LYS A 98 19.09 24.77 -5.90
N LEU A 99 19.56 24.97 -7.12
CA LEU A 99 18.87 24.44 -8.29
C LEU A 99 19.63 23.25 -8.89
N GLY A 100 18.93 22.13 -9.03
CA GLY A 100 19.47 21.00 -9.77
C GLY A 100 18.88 20.90 -11.14
N ILE A 101 19.66 20.35 -12.06
CA ILE A 101 19.24 20.12 -13.44
C ILE A 101 19.61 18.70 -13.86
N TYR A 102 19.16 18.34 -15.05
CA TYR A 102 19.20 16.97 -15.54
C TYR A 102 19.76 16.95 -16.96
N ALA A 103 20.59 15.95 -17.23
CA ALA A 103 21.04 15.68 -18.58
C ALA A 103 21.24 14.19 -18.71
N ASP A 104 21.48 13.74 -19.94
CA ASP A 104 21.71 12.33 -20.21
C ASP A 104 22.98 12.12 -21.03
N MET A 105 23.85 11.25 -20.50
CA MET A 105 25.06 10.80 -21.15
C MET A 105 24.66 9.75 -22.20
N GLY A 106 24.37 10.22 -23.39
CA GLY A 106 23.81 9.40 -24.45
C GLY A 106 23.19 10.27 -25.52
N ASN A 107 22.65 9.63 -26.55
CA ASN A 107 22.05 10.36 -27.67
C ASN A 107 20.80 11.14 -27.31
N PHE A 108 20.04 10.60 -26.35
CA PHE A 108 18.77 11.16 -25.90
C PHE A 108 18.61 10.92 -24.41
N THR A 109 17.76 11.73 -23.78
CA THR A 109 17.34 11.41 -22.43
C THR A 109 16.43 10.19 -22.48
N CYS A 110 16.12 9.65 -21.31
CA CYS A 110 15.26 8.46 -21.24
C CYS A 110 13.90 8.69 -21.89
N MET A 111 13.38 9.92 -21.84
CA MET A 111 12.11 10.26 -22.49
C MET A 111 12.26 10.82 -23.92
N GLY A 112 13.48 10.79 -24.45
CA GLY A 112 13.72 11.07 -25.86
C GLY A 112 14.08 12.51 -26.19
N TYR A 113 14.40 13.28 -25.16
CA TYR A 113 14.84 14.67 -25.34
C TYR A 113 16.33 14.69 -25.71
N PRO A 114 16.83 15.83 -26.21
CA PRO A 114 18.23 15.88 -26.64
C PRO A 114 19.25 15.45 -25.59
N GLY A 115 20.17 14.60 -26.02
CA GLY A 115 21.17 14.02 -25.14
C GLY A 115 22.46 14.81 -25.13
N THR A 116 23.27 14.53 -24.12
CA THR A 116 24.59 15.09 -23.94
C THR A 116 25.55 14.00 -24.38
N THR A 117 25.84 13.98 -25.68
CA THR A 117 26.79 13.05 -26.24
C THR A 117 28.20 13.43 -25.82
N LEU A 118 29.18 12.56 -26.07
CA LEU A 118 30.56 12.85 -25.65
C LEU A 118 31.04 14.20 -26.15
N ASP A 119 30.69 14.54 -27.38
CA ASP A 119 31.14 15.80 -27.98
C ASP A 119 30.44 17.05 -27.44
N LYS A 120 29.43 16.86 -26.59
CA LYS A 120 28.68 17.95 -25.98
C LYS A 120 28.90 18.07 -24.48
N VAL A 121 29.65 17.15 -23.89
CA VAL A 121 29.85 17.14 -22.44
C VAL A 121 30.42 18.46 -21.89
N VAL A 122 31.50 18.94 -22.48
CA VAL A 122 32.14 20.15 -21.97
C VAL A 122 31.25 21.39 -22.15
N GLN A 123 30.67 21.54 -23.34
CA GLN A 123 29.78 22.67 -23.62
C GLN A 123 28.58 22.68 -22.67
N ASP A 124 28.02 21.51 -22.40
CA ASP A 124 26.86 21.44 -21.50
C ASP A 124 27.26 21.76 -20.05
N ALA A 125 28.39 21.23 -19.59
CA ALA A 125 28.95 21.60 -18.28
C ALA A 125 29.11 23.12 -18.18
N GLN A 126 29.68 23.71 -19.21
CA GLN A 126 29.90 25.16 -19.23
C GLN A 126 28.58 25.91 -19.21
N THR A 127 27.59 25.41 -19.95
CA THR A 127 26.27 26.04 -19.94
C THR A 127 25.65 25.98 -18.56
N PHE A 128 25.70 24.81 -17.92
CA PHE A 128 25.09 24.67 -16.60
C PHE A 128 25.77 25.58 -15.58
N ALA A 129 27.10 25.72 -15.64
CA ALA A 129 27.79 26.60 -14.70
C ALA A 129 27.44 28.08 -14.94
N GLU A 130 27.34 28.45 -16.23
CA GLU A 130 26.96 29.82 -16.63
C GLU A 130 25.57 30.16 -16.12
N TRP A 131 24.68 29.17 -16.14
CA TRP A 131 23.33 29.33 -15.61
C TRP A 131 23.26 29.35 -14.08
N LYS A 132 24.35 28.96 -13.42
CA LYS A 132 24.47 28.92 -11.96
C LYS A 132 23.65 27.81 -11.29
N VAL A 133 23.55 26.68 -12.00
CA VAL A 133 23.04 25.44 -11.45
C VAL A 133 23.97 24.97 -10.33
N ASP A 134 23.40 24.23 -9.38
CA ASP A 134 24.12 23.74 -8.21
C ASP A 134 24.27 22.23 -8.14
N MET A 135 23.53 21.52 -8.97
CA MET A 135 23.59 20.06 -8.98
C MET A 135 23.21 19.58 -10.36
N LEU A 136 23.84 18.50 -10.81
CA LEU A 136 23.53 17.88 -12.08
C LEU A 136 23.29 16.40 -11.83
N LYS A 137 22.15 15.92 -12.29
CA LYS A 137 21.86 14.49 -12.40
C LYS A 137 22.11 14.08 -13.84
N LEU A 138 23.05 13.15 -14.06
CA LEU A 138 23.40 12.68 -15.38
C LEU A 138 22.92 11.24 -15.57
N ASP A 139 21.87 11.08 -16.35
N ASP A 139 21.82 11.08 -16.30
CA ASP A 139 21.28 9.80 -16.65
CA ASP A 139 21.28 9.76 -16.62
C ASP A 139 22.11 9.13 -17.75
C ASP A 139 22.11 9.13 -17.75
N GLY A 140 21.85 7.86 -18.03
CA GLY A 140 22.65 7.08 -18.96
C GLY A 140 21.90 6.30 -20.01
N CYS A 141 20.68 6.72 -20.33
CA CYS A 141 19.95 6.11 -21.44
C CYS A 141 20.60 6.40 -22.78
N PHE A 142 20.36 5.50 -23.75
CA PHE A 142 20.77 5.71 -25.14
C PHE A 142 22.28 5.91 -25.32
N SER A 143 23.05 5.09 -24.58
CA SER A 143 24.49 5.04 -24.70
C SER A 143 24.98 3.62 -24.53
N THR A 144 26.25 3.42 -24.86
CA THR A 144 26.92 2.16 -24.68
C THR A 144 27.71 2.17 -23.39
N PRO A 145 28.10 0.98 -22.88
CA PRO A 145 28.95 0.96 -21.69
C PRO A 145 30.26 1.74 -21.87
N GLU A 146 30.87 1.65 -23.05
CA GLU A 146 32.14 2.35 -23.31
C GLU A 146 31.94 3.86 -23.31
N GLU A 147 30.81 4.31 -23.84
CA GLU A 147 30.49 5.74 -23.84
C GLU A 147 30.30 6.26 -22.42
N ARG A 148 29.60 5.49 -21.59
CA ARG A 148 29.41 5.85 -20.19
C ARG A 148 30.74 5.88 -19.43
N ALA A 149 31.61 4.89 -19.69
CA ALA A 149 32.91 4.85 -19.02
C ALA A 149 33.79 6.05 -19.35
N GLN A 150 33.66 6.57 -20.58
CA GLN A 150 34.36 7.80 -20.96
C GLN A 150 33.63 9.03 -20.45
N GLY A 151 32.31 9.03 -20.59
CA GLY A 151 31.49 10.21 -20.35
C GLY A 151 31.32 10.67 -18.92
N TYR A 152 31.13 9.74 -17.99
CA TYR A 152 30.92 10.15 -16.59
C TYR A 152 32.18 10.82 -16.01
N PRO A 153 33.38 10.22 -16.21
CA PRO A 153 34.58 10.96 -15.78
C PRO A 153 34.78 12.26 -16.54
N LYS A 154 34.45 12.29 -17.83
CA LYS A 154 34.62 13.49 -18.63
C LYS A 154 33.75 14.63 -18.07
N MET A 155 32.53 14.30 -17.66
CA MET A 155 31.64 15.31 -17.11
C MET A 155 32.12 15.78 -15.74
N ALA A 156 32.60 14.88 -14.89
CA ALA A 156 33.14 15.32 -13.60
C ALA A 156 34.27 16.32 -13.81
N ALA A 157 35.18 16.00 -14.74
CA ALA A 157 36.29 16.88 -15.07
C ALA A 157 35.83 18.24 -15.63
N ALA A 158 34.85 18.20 -16.54
CA ALA A 158 34.32 19.43 -17.15
C ALA A 158 33.62 20.33 -16.12
N LEU A 159 32.83 19.73 -15.23
CA LEU A 159 32.18 20.50 -14.17
C LEU A 159 33.24 21.19 -13.31
N ASN A 160 34.27 20.44 -12.95
CA ASN A 160 35.33 20.98 -12.12
C ASN A 160 35.99 22.19 -12.78
N ALA A 161 36.26 22.05 -14.07
CA ALA A 161 36.97 23.08 -14.85
C ALA A 161 36.20 24.40 -14.94
N THR A 162 34.87 24.37 -14.81
CA THR A 162 34.08 25.60 -14.82
C THR A 162 34.38 26.50 -13.62
N GLY A 163 34.90 25.89 -12.55
CA GLY A 163 35.14 26.60 -11.30
C GLY A 163 33.92 26.74 -10.41
N ARG A 164 32.75 26.33 -10.88
CA ARG A 164 31.56 26.39 -10.03
C ARG A 164 31.38 25.04 -9.34
N PRO A 165 31.22 25.04 -8.01
CA PRO A 165 30.87 23.78 -7.34
C PRO A 165 29.48 23.30 -7.76
N ILE A 166 29.44 22.13 -8.40
CA ILE A 166 28.21 21.53 -8.87
C ILE A 166 28.18 20.09 -8.38
N ALA A 167 27.22 19.78 -7.50
CA ALA A 167 27.07 18.44 -6.96
C ALA A 167 26.72 17.51 -8.11
N PHE A 168 27.33 16.33 -8.15
CA PHE A 168 27.23 15.45 -9.32
C PHE A 168 26.59 14.14 -8.94
N SER A 169 25.40 13.90 -9.50
CA SER A 169 24.61 12.70 -9.23
C SER A 169 24.65 11.84 -10.50
N CYS A 170 25.14 10.60 -10.36
CA CYS A 170 25.47 9.75 -11.52
C CYS A 170 24.62 8.49 -11.55
N SER A 171 23.92 8.25 -12.64
CA SER A 171 23.11 7.03 -12.75
C SER A 171 23.88 5.84 -13.33
N TRP A 172 25.16 6.06 -13.63
CA TRP A 172 26.02 5.09 -14.31
C TRP A 172 25.87 3.63 -13.83
N PRO A 173 26.03 3.37 -12.52
CA PRO A 173 26.00 1.96 -12.10
C PRO A 173 24.69 1.25 -12.34
N ALA A 174 23.57 1.99 -12.31
CA ALA A 174 22.24 1.38 -12.51
C ALA A 174 22.14 0.72 -13.88
N TYR A 175 22.85 1.27 -14.85
CA TYR A 175 22.81 0.74 -16.22
C TYR A 175 23.72 -0.48 -16.43
N GLU A 176 24.59 -0.73 -15.47
CA GLU A 176 25.56 -1.83 -15.55
C GLU A 176 25.30 -2.91 -14.51
N GLY A 177 24.12 -2.90 -13.88
CA GLY A 177 23.78 -3.95 -12.90
C GLY A 177 24.10 -3.65 -11.45
N GLY A 178 24.77 -2.53 -11.18
CA GLY A 178 24.99 -2.07 -9.80
C GLY A 178 26.05 -2.78 -8.98
N LEU A 179 26.71 -3.78 -9.56
CA LEU A 179 27.60 -4.63 -8.78
C LEU A 179 28.94 -4.87 -9.47
N PRO A 180 29.95 -5.22 -8.66
CA PRO A 180 31.18 -5.74 -9.25
C PRO A 180 30.88 -7.05 -10.00
N PRO A 181 31.68 -7.38 -11.00
CA PRO A 181 32.86 -6.67 -11.47
C PRO A 181 32.61 -5.48 -12.41
N ARG A 182 31.41 -5.36 -12.96
N ARG A 182 31.39 -5.35 -12.92
CA ARG A 182 31.15 -4.32 -13.96
CA ARG A 182 31.10 -4.34 -13.93
C ARG A 182 31.15 -2.90 -13.38
C ARG A 182 31.12 -2.92 -13.38
N VAL A 183 30.74 -2.78 -12.12
CA VAL A 183 30.77 -1.51 -11.40
C VAL A 183 31.96 -1.48 -10.46
N GLN A 184 32.72 -0.39 -10.55
CA GLN A 184 33.88 -0.16 -9.68
C GLN A 184 33.55 0.98 -8.73
N TYR A 185 33.28 0.65 -7.48
CA TYR A 185 32.80 1.66 -6.54
C TYR A 185 33.88 2.65 -6.07
N SER A 186 35.15 2.24 -6.07
CA SER A 186 36.20 3.19 -5.74
C SER A 186 36.33 4.26 -6.82
N LEU A 187 36.18 3.85 -8.09
CA LEU A 187 36.11 4.81 -9.21
C LEU A 187 34.92 5.75 -9.08
N LEU A 188 33.73 5.20 -8.84
CA LEU A 188 32.52 6.03 -8.67
C LEU A 188 32.67 7.06 -7.57
N ALA A 189 33.20 6.65 -6.43
CA ALA A 189 33.41 7.56 -5.31
C ALA A 189 34.34 8.72 -5.67
N ASP A 190 35.29 8.47 -6.57
CA ASP A 190 36.23 9.50 -7.00
C ASP A 190 35.58 10.50 -7.96
N ILE A 191 34.58 10.08 -8.73
CA ILE A 191 34.04 10.96 -9.76
C ILE A 191 32.62 11.50 -9.52
N CYS A 192 31.90 10.92 -8.56
CA CYS A 192 30.49 11.30 -8.27
C CYS A 192 30.27 11.60 -6.80
N ASN A 193 29.34 12.53 -6.51
CA ASN A 193 28.93 12.78 -5.14
C ASN A 193 27.85 11.80 -4.67
N LEU A 194 27.11 11.24 -5.61
CA LEU A 194 26.12 10.21 -5.32
C LEU A 194 25.78 9.48 -6.59
N TRP A 195 25.30 8.25 -6.45
CA TRP A 195 25.01 7.43 -7.61
C TRP A 195 23.78 6.57 -7.39
N ARG A 196 22.98 6.45 -8.44
CA ARG A 196 21.85 5.54 -8.47
C ARG A 196 22.34 4.14 -8.79
N ASN A 197 22.28 3.27 -7.80
CA ASN A 197 22.79 1.89 -7.87
C ASN A 197 21.86 0.96 -8.63
N TYR A 198 20.56 1.24 -8.54
CA TYR A 198 19.55 0.25 -8.79
C TYR A 198 18.30 0.87 -9.46
N ASP A 199 17.23 0.09 -9.53
CA ASP A 199 16.04 0.42 -10.30
C ASP A 199 15.36 1.69 -9.81
N ASP A 200 14.72 2.38 -10.75
CA ASP A 200 13.87 3.53 -10.46
C ASP A 200 12.80 3.09 -9.48
N ILE A 201 12.57 3.90 -8.46
CA ILE A 201 11.47 3.68 -7.55
C ILE A 201 10.14 4.06 -8.20
N GLN A 202 9.11 3.29 -7.87
CA GLN A 202 7.76 3.58 -8.31
C GLN A 202 6.89 3.74 -7.08
N ASP A 203 5.68 4.26 -7.26
CA ASP A 203 4.80 4.61 -6.12
C ASP A 203 4.05 3.35 -5.64
N SER A 204 4.82 2.45 -5.03
CA SER A 204 4.29 1.22 -4.47
C SER A 204 5.19 0.73 -3.36
N TRP A 205 4.59 0.04 -2.41
CA TRP A 205 5.37 -0.60 -1.34
C TRP A 205 6.23 -1.72 -1.89
N TRP A 206 5.73 -2.47 -2.88
CA TRP A 206 6.53 -3.51 -3.53
C TRP A 206 7.86 -2.92 -4.09
N SER A 207 7.78 -1.73 -4.65
CA SER A 207 8.97 -1.08 -5.18
C SER A 207 9.97 -0.74 -4.06
N VAL A 208 9.48 -0.17 -2.96
CA VAL A 208 10.33 0.11 -1.80
C VAL A 208 11.00 -1.16 -1.30
N LEU A 209 10.22 -2.24 -1.13
CA LEU A 209 10.78 -3.50 -0.65
C LEU A 209 11.81 -4.08 -1.62
N SER A 210 11.56 -3.97 -2.92
CA SER A 210 12.51 -4.49 -3.92
CA SER A 210 12.50 -4.48 -3.92
C SER A 210 13.85 -3.78 -3.79
N ILE A 211 13.80 -2.47 -3.62
CA ILE A 211 15.00 -1.67 -3.46
C ILE A 211 15.70 -1.99 -2.14
N LEU A 212 14.94 -1.99 -1.04
CA LEU A 212 15.50 -2.31 0.26
C LEU A 212 16.18 -3.67 0.24
N ASN A 213 15.50 -4.66 -0.33
CA ASN A 213 16.04 -6.02 -0.36
C ASN A 213 17.34 -6.12 -1.18
N TRP A 214 17.44 -5.38 -2.27
CA TRP A 214 18.66 -5.39 -3.07
C TRP A 214 19.81 -4.72 -2.32
N PHE A 215 19.51 -3.59 -1.68
CA PHE A 215 20.52 -2.92 -0.86
C PHE A 215 21.00 -3.79 0.29
N VAL A 216 20.09 -4.51 0.95
CA VAL A 216 20.48 -5.35 2.07
C VAL A 216 21.22 -6.60 1.61
N GLU A 217 20.77 -7.22 0.52
CA GLU A 217 21.45 -8.39 -0.03
C GLU A 217 22.91 -8.08 -0.35
N HIS A 218 23.17 -6.84 -0.76
CA HIS A 218 24.51 -6.45 -1.23
C HIS A 218 25.21 -5.46 -0.31
N GLN A 219 24.76 -5.40 0.95
CA GLN A 219 25.28 -4.40 1.86
C GLN A 219 26.76 -4.58 2.19
N ASP A 220 27.30 -5.79 2.11
CA ASP A 220 28.73 -5.97 2.33
C ASP A 220 29.57 -5.18 1.34
N ILE A 221 29.06 -5.02 0.12
CA ILE A 221 29.70 -4.22 -0.91
C ILE A 221 29.34 -2.74 -0.79
N LEU A 222 28.05 -2.46 -0.55
CA LEU A 222 27.56 -1.08 -0.66
C LEU A 222 27.83 -0.24 0.58
N GLN A 223 27.73 -0.85 1.76
CA GLN A 223 27.88 -0.08 3.01
C GLN A 223 29.23 0.64 3.15
N PRO A 224 30.36 -0.04 2.85
CA PRO A 224 31.65 0.62 3.07
C PRO A 224 31.97 1.77 2.12
N VAL A 225 31.34 1.80 0.95
CA VAL A 225 31.70 2.78 -0.07
C VAL A 225 31.06 4.15 0.15
N ALA A 226 30.01 4.20 0.98
CA ALA A 226 29.32 5.46 1.29
C ALA A 226 30.06 6.28 2.35
N GLY A 227 30.07 7.59 2.18
CA GLY A 227 30.64 8.47 3.17
C GLY A 227 30.53 9.90 2.72
N PRO A 228 31.01 10.84 3.54
CA PRO A 228 30.95 12.24 3.19
C PRO A 228 31.47 12.50 1.78
N GLY A 229 30.62 13.11 0.96
CA GLY A 229 30.96 13.43 -0.42
C GLY A 229 30.69 12.36 -1.45
N HIS A 230 30.22 11.19 -1.02
CA HIS A 230 30.01 10.08 -1.97
C HIS A 230 29.02 9.06 -1.42
N TRP A 231 27.76 9.18 -1.85
CA TRP A 231 26.65 8.41 -1.29
C TRP A 231 26.02 7.41 -2.24
N ASN A 232 25.53 6.32 -1.67
CA ASN A 232 24.60 5.45 -2.39
C ASN A 232 23.25 6.15 -2.44
N ASP A 233 22.53 5.98 -3.55
CA ASP A 233 21.24 6.64 -3.76
C ASP A 233 20.20 5.57 -4.12
N PRO A 234 19.35 5.17 -3.16
CA PRO A 234 18.25 4.22 -3.44
C PRO A 234 17.02 4.84 -4.11
N ASP A 235 17.11 6.11 -4.48
CA ASP A 235 16.09 6.86 -5.20
C ASP A 235 15.13 7.60 -4.25
N MET A 236 14.16 8.28 -4.85
CA MET A 236 13.35 9.28 -4.16
C MET A 236 12.45 8.72 -3.06
N LEU A 237 12.16 9.58 -2.09
CA LEU A 237 11.11 9.33 -1.10
C LEU A 237 9.73 9.41 -1.77
N LEU A 238 8.84 8.49 -1.39
CA LEU A 238 7.46 8.42 -1.91
C LEU A 238 6.43 9.09 -0.99
N ILE A 239 6.89 9.58 0.14
CA ILE A 239 6.06 10.12 1.18
C ILE A 239 5.32 11.33 0.65
N GLY A 240 3.99 11.33 0.79
CA GLY A 240 3.13 12.38 0.28
C GLY A 240 2.33 11.97 -0.95
N ASN A 241 2.66 10.83 -1.55
CA ASN A 241 1.97 10.41 -2.77
C ASN A 241 0.88 9.36 -2.50
N PHE A 242 0.73 8.39 -3.40
CA PHE A 242 -0.50 7.59 -3.44
C PHE A 242 -0.36 6.15 -2.98
N GLY A 243 0.85 5.60 -3.11
CA GLY A 243 1.06 4.16 -2.98
C GLY A 243 1.34 3.68 -1.55
N LEU A 244 1.92 4.53 -0.72
CA LEU A 244 2.29 4.09 0.65
C LEU A 244 1.26 4.44 1.72
N SER A 245 0.99 3.45 2.55
CA SER A 245 0.22 3.68 3.78
C SER A 245 1.04 4.53 4.75
N LEU A 246 0.40 4.94 5.83
CA LEU A 246 1.11 5.71 6.90
C LEU A 246 2.29 4.92 7.46
N GLU A 247 2.07 3.66 7.82
CA GLU A 247 3.17 2.83 8.36
C GLU A 247 4.31 2.71 7.36
N GLN A 248 3.97 2.51 6.09
CA GLN A 248 4.97 2.37 5.05
C GLN A 248 5.76 3.65 4.80
N SER A 249 5.07 4.79 4.88
CA SER A 249 5.68 6.11 4.73
C SER A 249 6.69 6.36 5.85
N ARG A 250 6.30 6.07 7.09
CA ARG A 250 7.23 6.16 8.21
C ARG A 250 8.41 5.18 8.06
N ALA A 251 8.13 4.00 7.49
CA ALA A 251 9.19 3.02 7.29
C ALA A 251 10.20 3.47 6.26
N GLN A 252 9.74 4.00 5.13
CA GLN A 252 10.67 4.46 4.11
C GLN A 252 11.59 5.57 4.65
N MET A 253 11.01 6.53 5.37
CA MET A 253 11.80 7.61 5.95
C MET A 253 12.89 7.06 6.89
N ALA A 254 12.49 6.15 7.79
CA ALA A 254 13.44 5.58 8.76
C ALA A 254 14.54 4.76 8.10
N LEU A 255 14.17 3.96 7.09
CA LEU A 255 15.13 3.08 6.43
C LEU A 255 16.09 3.84 5.52
N TRP A 256 15.58 4.83 4.78
CA TRP A 256 16.48 5.70 4.00
C TRP A 256 17.47 6.41 4.95
N THR A 257 16.97 6.79 6.12
CA THR A 257 17.80 7.49 7.11
C THR A 257 18.91 6.59 7.65
N VAL A 258 18.59 5.36 8.00
N VAL A 258 18.57 5.35 8.00
CA VAL A 258 19.64 4.45 8.49
CA VAL A 258 19.57 4.39 8.48
C VAL A 258 20.60 4.02 7.38
C VAL A 258 20.58 4.02 7.38
N LEU A 259 20.16 4.10 6.12
CA LEU A 259 21.02 3.83 4.98
C LEU A 259 21.86 5.04 4.51
N ALA A 260 21.79 6.17 5.23
CA ALA A 260 22.51 7.39 4.83
C ALA A 260 22.17 7.76 3.38
N ALA A 261 20.89 7.65 3.06
CA ALA A 261 20.40 7.97 1.72
C ALA A 261 20.15 9.45 1.55
N PRO A 262 20.22 9.96 0.32
CA PRO A 262 19.63 11.27 0.06
C PRO A 262 18.17 11.29 0.55
N LEU A 263 17.71 12.44 1.01
CA LEU A 263 16.29 12.62 1.31
C LEU A 263 15.74 13.56 0.24
N LEU A 264 15.47 12.97 -0.91
CA LEU A 264 14.96 13.73 -2.04
C LEU A 264 13.49 13.38 -2.20
N MET A 265 12.64 14.31 -1.76
CA MET A 265 11.19 14.19 -1.86
C MET A 265 10.77 14.35 -3.31
N SER A 266 9.58 13.88 -3.64
CA SER A 266 9.01 14.12 -4.95
C SER A 266 7.52 13.97 -4.79
N THR A 267 6.89 15.08 -4.45
CA THR A 267 5.49 15.08 -4.03
C THR A 267 4.95 16.50 -4.16
N ASP A 268 3.64 16.64 -4.17
CA ASP A 268 3.07 17.97 -4.33
C ASP A 268 3.11 18.72 -2.99
N LEU A 269 4.08 19.61 -2.83
CA LEU A 269 4.21 20.38 -1.58
C LEU A 269 3.08 21.36 -1.39
N ARG A 270 2.30 21.65 -2.44
CA ARG A 270 1.17 22.57 -2.31
C ARG A 270 -0.01 21.93 -1.59
N THR A 271 -0.09 20.60 -1.58
CA THR A 271 -1.24 19.90 -1.01
C THR A 271 -0.87 18.83 0.03
N ILE A 272 0.40 18.74 0.38
CA ILE A 272 0.89 17.68 1.27
C ILE A 272 0.14 17.73 2.61
N SER A 273 -0.24 16.56 3.10
CA SER A 273 -0.96 16.45 4.36
C SER A 273 -0.06 16.78 5.55
N ALA A 274 -0.67 17.22 6.63
CA ALA A 274 0.04 17.45 7.88
C ALA A 274 0.78 16.19 8.33
N GLN A 275 0.14 15.04 8.21
CA GLN A 275 0.74 13.79 8.69
C GLN A 275 2.03 13.48 7.92
N ASN A 276 2.00 13.69 6.60
CA ASN A 276 3.18 13.44 5.80
C ASN A 276 4.28 14.49 5.99
N MET A 277 3.87 15.75 6.15
N MET A 277 3.87 15.75 6.15
CA MET A 277 4.81 16.82 6.49
CA MET A 277 4.82 16.81 6.48
C MET A 277 5.54 16.50 7.80
C MET A 277 5.54 16.53 7.80
N ASP A 278 4.80 15.99 8.77
CA ASP A 278 5.39 15.66 10.08
C ASP A 278 6.44 14.54 9.98
N ILE A 279 6.28 13.61 9.03
CA ILE A 279 7.28 12.56 8.80
C ILE A 279 8.57 13.15 8.23
N LEU A 280 8.41 13.91 7.17
CA LEU A 280 9.53 14.48 6.44
C LEU A 280 10.28 15.57 7.21
N GLN A 281 9.56 16.29 8.08
CA GLN A 281 10.18 17.37 8.88
C GLN A 281 10.55 16.97 10.31
N ASN A 282 10.65 15.68 10.58
CA ASN A 282 11.00 15.18 11.89
C ASN A 282 12.45 15.58 12.20
N PRO A 283 12.66 16.46 13.20
CA PRO A 283 14.01 17.02 13.36
C PRO A 283 15.06 15.99 13.78
N LEU A 284 14.68 15.05 14.63
CA LEU A 284 15.61 14.00 15.06
C LEU A 284 15.96 13.07 13.90
N MET A 285 14.95 12.71 13.09
CA MET A 285 15.21 11.91 11.90
C MET A 285 16.23 12.58 11.00
N ILE A 286 16.05 13.87 10.77
CA ILE A 286 16.94 14.62 9.89
C ILE A 286 18.36 14.70 10.49
N LYS A 287 18.43 14.93 11.78
CA LYS A 287 19.71 14.93 12.53
C LYS A 287 20.46 13.62 12.29
N ILE A 288 19.75 12.51 12.38
CA ILE A 288 20.35 11.19 12.13
C ILE A 288 20.82 11.04 10.68
N ASN A 289 19.95 11.38 9.73
CA ASN A 289 20.31 11.29 8.32
C ASN A 289 21.55 12.10 8.01
N GLN A 290 21.62 13.29 8.61
CA GLN A 290 22.70 14.27 8.38
C GLN A 290 23.89 14.11 9.31
N ASP A 291 24.00 12.98 9.99
CA ASP A 291 25.08 12.77 10.95
C ASP A 291 26.45 12.99 10.27
N PRO A 292 27.32 13.77 10.91
CA PRO A 292 28.55 14.13 10.20
C PRO A 292 29.51 12.97 9.91
N LEU A 293 29.42 11.85 10.62
CA LEU A 293 30.30 10.71 10.31
C LEU A 293 29.98 10.08 8.96
N GLY A 294 28.72 10.18 8.53
CA GLY A 294 28.33 9.68 7.22
C GLY A 294 28.55 8.19 7.04
N ILE A 295 28.34 7.42 8.11
CA ILE A 295 28.50 5.98 8.07
C ILE A 295 27.15 5.34 7.75
N GLN A 296 27.08 4.68 6.59
CA GLN A 296 25.88 3.99 6.19
C GLN A 296 25.59 2.84 7.15
N GLY A 297 24.33 2.68 7.54
CA GLY A 297 23.92 1.58 8.40
C GLY A 297 23.82 0.24 7.67
N ARG A 298 23.44 -0.79 8.43
N ARG A 298 23.43 -0.78 8.45
CA ARG A 298 23.33 -2.15 7.89
CA ARG A 298 23.44 -2.20 8.05
C ARG A 298 22.16 -2.82 8.59
C ARG A 298 22.19 -2.86 8.63
N ARG A 299 21.62 -3.86 7.96
CA ARG A 299 20.70 -4.78 8.64
C ARG A 299 21.61 -5.67 9.48
N ILE A 300 21.37 -5.71 10.79
CA ILE A 300 22.18 -6.51 11.71
C ILE A 300 21.54 -7.80 12.18
N HIS A 301 20.21 -7.89 12.06
CA HIS A 301 19.47 -9.06 12.53
C HIS A 301 18.23 -9.28 11.66
N LYS A 302 17.92 -10.54 11.40
CA LYS A 302 16.68 -10.92 10.73
C LYS A 302 16.17 -12.16 11.47
N GLU A 303 14.93 -12.10 11.95
CA GLU A 303 14.37 -13.16 12.78
C GLU A 303 13.34 -13.95 11.98
N LYS A 304 13.09 -15.20 12.37
CA LYS A 304 12.04 -15.97 11.70
C LYS A 304 10.64 -15.35 11.90
N SER A 305 10.48 -14.51 12.94
CA SER A 305 9.26 -13.70 13.12
C SER A 305 9.03 -12.64 12.01
N LEU A 306 10.00 -12.48 11.12
CA LEU A 306 10.01 -11.48 10.04
C LEU A 306 10.24 -10.05 10.55
N ILE A 307 10.79 -9.92 11.75
CA ILE A 307 11.28 -8.63 12.24
C ILE A 307 12.74 -8.52 11.83
N GLU A 308 13.10 -7.39 11.24
CA GLU A 308 14.47 -7.08 10.87
C GLU A 308 14.94 -5.92 11.73
N VAL A 309 16.21 -5.92 12.11
CA VAL A 309 16.78 -4.83 12.87
C VAL A 309 17.93 -4.23 12.09
N TYR A 310 17.89 -2.91 11.93
CA TYR A 310 18.94 -2.14 11.27
C TYR A 310 19.61 -1.27 12.31
N MET A 311 20.90 -1.04 12.13
CA MET A 311 21.66 -0.17 13.02
C MET A 311 22.58 0.76 12.21
N ARG A 312 22.59 2.04 12.58
CA ARG A 312 23.53 3.01 12.01
C ARG A 312 24.35 3.65 13.14
N PRO A 313 25.69 3.60 13.02
CA PRO A 313 26.55 4.31 13.97
C PRO A 313 26.54 5.81 13.70
N LEU A 314 26.57 6.60 14.76
CA LEU A 314 26.43 8.05 14.69
C LEU A 314 27.51 8.74 15.54
N SER A 315 27.55 10.06 15.46
CA SER A 315 28.48 10.88 16.22
C SER A 315 28.28 10.73 17.73
N ASN A 316 29.35 10.99 18.48
CA ASN A 316 29.31 11.03 19.94
C ASN A 316 28.78 9.75 20.57
N LYS A 317 29.20 8.61 20.02
CA LYS A 317 28.92 7.28 20.54
C LYS A 317 27.44 6.89 20.45
N ALA A 318 26.67 7.63 19.69
CA ALA A 318 25.24 7.34 19.54
C ALA A 318 25.02 6.35 18.39
N SER A 319 23.81 5.81 18.34
CA SER A 319 23.38 4.89 17.29
C SER A 319 21.92 5.13 16.95
N ALA A 320 21.52 4.72 15.75
CA ALA A 320 20.11 4.58 15.44
C ALA A 320 19.78 3.10 15.24
N LEU A 321 18.66 2.66 15.80
CA LEU A 321 18.13 1.32 15.57
C LEU A 321 16.79 1.45 14.87
N VAL A 322 16.57 0.67 13.82
CA VAL A 322 15.25 0.57 13.20
C VAL A 322 14.80 -0.88 13.33
N PHE A 323 13.67 -1.07 14.02
CA PHE A 323 13.00 -2.35 14.13
C PHE A 323 11.91 -2.33 13.06
N PHE A 324 12.02 -3.20 12.05
CA PHE A 324 11.17 -3.18 10.86
C PHE A 324 10.39 -4.48 10.76
N SER A 325 9.08 -4.39 10.66
CA SER A 325 8.25 -5.58 10.49
C SER A 325 7.90 -5.84 9.02
N CYS A 326 8.40 -6.96 8.51
CA CYS A 326 7.99 -7.47 7.19
C CYS A 326 6.75 -8.36 7.30
N ARG A 327 6.12 -8.39 8.49
CA ARG A 327 4.90 -9.17 8.66
C ARG A 327 3.74 -8.48 7.95
N THR A 328 2.73 -9.26 7.62
CA THR A 328 1.52 -8.73 6.99
C THR A 328 0.27 -9.18 7.74
N ASP A 329 0.42 -9.43 9.06
CA ASP A 329 -0.73 -9.87 9.88
C ASP A 329 -1.26 -8.79 10.82
N MET A 330 -0.47 -8.41 11.84
CA MET A 330 -0.95 -7.48 12.85
C MET A 330 0.23 -6.97 13.66
N PRO A 331 -0.02 -6.05 14.60
CA PRO A 331 1.11 -5.56 15.40
C PRO A 331 1.81 -6.70 16.13
N TYR A 332 3.14 -6.60 16.24
CA TYR A 332 3.97 -7.64 16.79
C TYR A 332 4.76 -7.10 17.97
N ARG A 333 4.72 -7.82 19.08
CA ARG A 333 5.49 -7.46 20.27
C ARG A 333 6.86 -8.13 20.16
N TYR A 334 7.87 -7.33 19.81
CA TYR A 334 9.22 -7.82 19.59
C TYR A 334 10.03 -7.68 20.87
N HIS A 335 10.52 -8.81 21.37
CA HIS A 335 11.25 -8.88 22.63
C HIS A 335 12.73 -9.01 22.32
N SER A 336 13.53 -8.11 22.88
CA SER A 336 14.98 -8.18 22.69
C SER A 336 15.70 -7.49 23.84
N SER A 337 17.00 -7.30 23.66
CA SER A 337 17.83 -6.53 24.57
C SER A 337 19.01 -6.00 23.77
N LEU A 338 19.68 -4.96 24.26
CA LEU A 338 20.81 -4.40 23.52
C LEU A 338 21.96 -5.41 23.42
N GLY A 339 22.12 -6.25 24.43
CA GLY A 339 23.10 -7.33 24.39
C GLY A 339 22.89 -8.30 23.23
N GLN A 340 21.64 -8.62 22.94
CA GLN A 340 21.31 -9.49 21.80
C GLN A 340 21.51 -8.80 20.46
N LEU A 341 21.61 -7.47 20.48
CA LEU A 341 21.87 -6.67 19.28
C LEU A 341 23.33 -6.19 19.25
N ASN A 342 24.19 -6.91 19.97
CA ASN A 342 25.66 -6.75 19.94
C ASN A 342 26.20 -5.40 20.42
N PHE A 343 25.55 -4.79 21.41
CA PHE A 343 26.03 -3.54 22.00
C PHE A 343 27.10 -3.79 23.07
N THR A 344 27.97 -2.80 23.26
CA THR A 344 29.14 -2.93 24.15
C THR A 344 28.76 -2.92 25.62
N GLY A 345 29.51 -3.70 26.41
CA GLY A 345 29.17 -3.98 27.82
C GLY A 345 29.48 -2.88 28.81
N SER A 346 28.82 -2.95 29.96
CA SER A 346 29.02 -2.03 31.10
C SER A 346 28.51 -0.60 30.88
N VAL A 347 27.96 -0.32 29.70
CA VAL A 347 27.45 1.01 29.36
C VAL A 347 25.94 1.03 29.64
N ILE A 348 25.45 2.14 30.21
CA ILE A 348 24.04 2.39 30.40
C ILE A 348 23.59 3.34 29.29
N TYR A 349 22.48 3.01 28.63
CA TYR A 349 21.98 3.80 27.52
C TYR A 349 20.65 4.49 27.82
N GLU A 350 20.37 5.52 27.01
CA GLU A 350 19.06 6.14 26.95
C GLU A 350 18.65 6.13 25.48
N ALA A 351 17.36 5.89 25.23
CA ALA A 351 16.83 5.86 23.88
C ALA A 351 15.66 6.81 23.74
N GLN A 352 15.61 7.50 22.60
CA GLN A 352 14.45 8.28 22.21
C GLN A 352 13.80 7.63 21.01
N ASP A 353 12.50 7.38 21.15
CA ASP A 353 11.68 6.92 20.04
C ASP A 353 11.52 8.10 19.07
N VAL A 354 12.00 7.92 17.85
CA VAL A 354 12.10 9.02 16.89
C VAL A 354 10.72 9.54 16.47
N TYR A 355 9.74 8.65 16.34
CA TYR A 355 8.40 9.08 15.95
C TYR A 355 7.49 9.55 17.10
N SER A 356 7.61 8.95 18.28
CA SER A 356 6.74 9.34 19.39
C SER A 356 7.36 10.40 20.29
N GLY A 357 8.69 10.45 20.31
CA GLY A 357 9.42 11.31 21.24
C GLY A 357 9.63 10.76 22.63
N ASP A 358 9.02 9.62 22.95
CA ASP A 358 9.14 9.02 24.27
C ASP A 358 10.58 8.62 24.55
N ILE A 359 11.00 8.77 25.81
CA ILE A 359 12.35 8.43 26.26
C ILE A 359 12.35 7.15 27.10
N ILE A 360 13.22 6.20 26.74
CA ILE A 360 13.47 4.98 27.51
C ILE A 360 14.87 5.10 28.13
N SER A 361 14.96 5.17 29.46
CA SER A 361 16.22 5.48 30.13
C SER A 361 16.71 4.31 31.00
N GLY A 362 18.03 4.23 31.16
CA GLY A 362 18.64 3.20 32.02
C GLY A 362 18.67 1.80 31.44
N LEU A 363 18.81 1.69 30.12
CA LEU A 363 18.95 0.39 29.45
C LEU A 363 20.37 -0.13 29.55
N ARG A 364 20.55 -1.28 30.20
CA ARG A 364 21.83 -1.96 30.18
C ARG A 364 21.73 -3.01 29.08
N ASP A 365 22.86 -3.61 28.71
CA ASP A 365 22.86 -4.68 27.70
C ASP A 365 21.90 -5.81 28.04
N GLU A 366 21.80 -6.17 29.32
CA GLU A 366 20.96 -7.29 29.75
C GLU A 366 19.49 -6.92 29.94
N THR A 367 19.14 -5.65 29.82
CA THR A 367 17.77 -5.20 30.07
C THR A 367 16.86 -5.65 28.95
N ASN A 368 15.84 -6.45 29.30
CA ASN A 368 14.83 -6.87 28.34
C ASN A 368 13.88 -5.73 28.05
N PHE A 369 13.60 -5.50 26.76
CA PHE A 369 12.60 -4.53 26.36
C PHE A 369 11.68 -5.14 25.31
N THR A 370 10.51 -4.52 25.15
CA THR A 370 9.54 -4.91 24.13
C THR A 370 9.24 -3.68 23.29
N VAL A 371 9.28 -3.82 21.97
CA VAL A 371 8.78 -2.77 21.08
C VAL A 371 7.62 -3.35 20.27
N ILE A 372 6.61 -2.52 20.03
CA ILE A 372 5.41 -2.94 19.33
C ILE A 372 5.51 -2.39 17.93
N ILE A 373 5.60 -3.29 16.94
CA ILE A 373 5.86 -2.90 15.56
C ILE A 373 4.68 -3.29 14.69
N ASN A 374 4.16 -2.31 13.95
CA ASN A 374 3.02 -2.55 13.09
C ASN A 374 3.45 -3.16 11.78
N PRO A 375 2.54 -3.92 11.15
CA PRO A 375 2.94 -4.59 9.89
C PRO A 375 3.31 -3.59 8.79
N SER A 376 4.39 -3.89 8.07
CA SER A 376 5.00 -2.97 7.09
C SER A 376 5.38 -1.62 7.71
N GLY A 377 5.71 -1.65 9.00
CA GLY A 377 6.06 -0.46 9.74
C GLY A 377 7.33 -0.62 10.56
N VAL A 378 7.68 0.45 11.25
CA VAL A 378 8.91 0.51 12.05
C VAL A 378 8.68 1.07 13.44
N VAL A 379 9.64 0.77 14.29
CA VAL A 379 9.94 1.53 15.51
C VAL A 379 11.39 1.94 15.35
N MET A 380 11.69 3.21 15.60
CA MET A 380 13.04 3.73 15.45
C MET A 380 13.48 4.38 16.75
N TRP A 381 14.68 4.01 17.19
CA TRP A 381 15.32 4.57 18.38
C TRP A 381 16.59 5.32 18.04
N TYR A 382 16.77 6.47 18.71
CA TYR A 382 18.05 7.15 18.76
C TYR A 382 18.60 6.84 20.16
N LEU A 383 19.78 6.19 20.19
CA LEU A 383 20.33 5.57 21.40
C LEU A 383 21.71 6.16 21.70
N TYR A 384 21.97 6.45 22.97
CA TYR A 384 23.27 7.02 23.38
C TYR A 384 23.60 6.67 24.82
N PRO A 385 24.90 6.54 25.12
CA PRO A 385 25.28 6.29 26.51
C PRO A 385 24.93 7.48 27.42
N ILE A 386 24.61 7.17 28.68
CA ILE A 386 24.42 8.21 29.69
C ILE A 386 25.17 7.91 30.97
N LYS A 387 25.48 8.98 31.70
CA LYS A 387 25.77 8.91 33.13
C LYS A 387 24.42 9.03 33.86
N ASN A 388 24.08 7.99 34.63
CA ASN A 388 22.76 7.83 35.31
C ASN A 388 21.70 7.28 34.37
N LEU B 1 -26.98 -21.93 -1.46
CA LEU B 1 -27.69 -22.82 -0.47
C LEU B 1 -29.09 -22.25 -0.24
N ASP B 2 -30.11 -23.09 -0.44
CA ASP B 2 -31.51 -22.67 -0.41
C ASP B 2 -32.10 -22.66 1.01
N ASN B 3 -31.51 -21.86 1.90
CA ASN B 3 -31.95 -21.78 3.30
C ASN B 3 -32.58 -20.42 3.66
N GLY B 4 -32.89 -19.63 2.64
CA GLY B 4 -33.52 -18.32 2.83
C GLY B 4 -32.55 -17.20 3.17
N LEU B 5 -31.27 -17.51 3.35
CA LEU B 5 -30.31 -16.54 3.86
C LEU B 5 -29.41 -16.00 2.76
N LEU B 6 -28.86 -14.81 3.01
CA LEU B 6 -27.84 -14.20 2.16
C LEU B 6 -28.29 -14.08 0.72
N GLN B 7 -29.51 -13.57 0.55
CA GLN B 7 -30.02 -13.24 -0.78
C GLN B 7 -29.23 -12.08 -1.39
N THR B 8 -28.54 -11.33 -0.52
CA THR B 8 -27.51 -10.37 -0.92
C THR B 8 -26.24 -10.76 -0.17
N PRO B 9 -25.06 -10.31 -0.65
CA PRO B 9 -23.85 -10.75 0.04
C PRO B 9 -23.84 -10.37 1.52
N PRO B 10 -23.25 -11.21 2.37
CA PRO B 10 -23.26 -10.86 3.78
C PRO B 10 -22.37 -9.66 4.08
N MET B 11 -22.77 -8.88 5.07
CA MET B 11 -21.99 -7.71 5.51
C MET B 11 -21.79 -7.84 7.01
N GLY B 12 -20.56 -7.59 7.46
CA GLY B 12 -20.31 -7.62 8.89
C GLY B 12 -18.85 -7.46 9.21
N TRP B 13 -18.46 -8.12 10.29
CA TRP B 13 -17.14 -7.95 10.88
C TRP B 13 -16.66 -9.34 11.29
N LEU B 14 -15.40 -9.64 10.99
CA LEU B 14 -14.78 -10.90 11.30
C LEU B 14 -13.48 -10.62 12.05
N ALA B 15 -13.19 -11.42 13.08
CA ALA B 15 -12.04 -11.13 13.95
C ALA B 15 -10.66 -11.38 13.34
N TRP B 16 -10.57 -12.26 12.34
CA TRP B 16 -9.29 -12.89 12.00
C TRP B 16 -8.18 -11.98 11.46
N GLU B 17 -8.46 -11.23 10.39
CA GLU B 17 -7.38 -10.50 9.76
C GLU B 17 -6.68 -9.56 10.75
N ARG B 18 -7.45 -8.80 11.53
CA ARG B 18 -6.85 -7.79 12.39
C ARG B 18 -6.34 -8.38 13.69
N PHE B 19 -7.09 -9.31 14.28
CA PHE B 19 -6.78 -9.77 15.65
C PHE B 19 -6.16 -11.16 15.72
N ARG B 20 -6.29 -11.93 14.64
CA ARG B 20 -5.57 -13.19 14.43
C ARG B 20 -5.76 -14.14 15.62
N CYS B 21 -4.69 -14.80 16.06
CA CYS B 21 -4.77 -15.76 17.16
C CYS B 21 -4.12 -15.22 18.43
N ASN B 22 -4.47 -13.99 18.78
CA ASN B 22 -3.95 -13.33 19.98
C ASN B 22 -4.76 -13.76 21.19
N ILE B 23 -4.15 -14.58 22.03
CA ILE B 23 -4.82 -15.11 23.22
C ILE B 23 -4.12 -14.66 24.52
N ASN B 24 -3.20 -13.71 24.39
CA ASN B 24 -2.45 -13.22 25.55
C ASN B 24 -3.24 -12.07 26.20
N CYS B 25 -4.27 -12.44 26.96
CA CYS B 25 -5.13 -11.45 27.58
C CYS B 25 -4.49 -10.82 28.81
N ASP B 26 -3.56 -11.53 29.44
CA ASP B 26 -2.80 -11.00 30.57
C ASP B 26 -1.96 -9.78 30.16
N GLU B 27 -1.27 -9.88 29.02
CA GLU B 27 -0.44 -8.78 28.52
C GLU B 27 -1.17 -7.85 27.56
N ASP B 28 -2.20 -8.35 26.89
CA ASP B 28 -2.89 -7.57 25.86
C ASP B 28 -4.42 -7.74 25.93
N PRO B 29 -5.04 -7.30 27.05
CA PRO B 29 -6.47 -7.53 27.29
C PRO B 29 -7.43 -6.82 26.34
N LYS B 30 -6.96 -5.75 25.68
CA LYS B 30 -7.84 -4.95 24.81
C LYS B 30 -7.95 -5.56 23.41
N ASN B 31 -6.96 -6.34 23.02
CA ASN B 31 -6.88 -6.86 21.66
C ASN B 31 -6.90 -8.39 21.54
N CYS B 32 -6.98 -9.09 22.66
CA CYS B 32 -6.99 -10.54 22.63
C CYS B 32 -8.37 -11.08 22.24
N ILE B 33 -8.39 -12.29 21.72
CA ILE B 33 -9.63 -12.96 21.34
C ILE B 33 -10.38 -13.32 22.63
N SER B 34 -11.48 -12.62 22.90
CA SER B 34 -12.19 -12.76 24.18
C SER B 34 -13.60 -12.20 24.04
N GLU B 35 -14.47 -12.53 24.99
CA GLU B 35 -15.86 -12.08 24.93
C GLU B 35 -15.93 -10.55 24.99
N GLN B 36 -15.03 -9.93 25.74
CA GLN B 36 -14.94 -8.48 25.83
C GLN B 36 -14.75 -7.86 24.44
N LEU B 37 -13.83 -8.42 23.65
CA LEU B 37 -13.57 -7.93 22.30
C LEU B 37 -14.83 -7.92 21.44
N PHE B 38 -15.56 -9.04 21.47
CA PHE B 38 -16.79 -9.16 20.69
C PHE B 38 -17.91 -8.26 21.19
N MET B 39 -18.05 -8.15 22.51
CA MET B 39 -19.04 -7.24 23.08
C MET B 39 -18.76 -5.78 22.70
N GLU B 40 -17.50 -5.37 22.79
CA GLU B 40 -17.11 -4.00 22.41
C GLU B 40 -17.34 -3.71 20.93
N MET B 41 -17.01 -4.67 20.06
CA MET B 41 -17.27 -4.51 18.63
C MET B 41 -18.76 -4.44 18.33
N ALA B 42 -19.55 -5.27 19.04
CA ALA B 42 -21.00 -5.25 18.94
C ALA B 42 -21.53 -3.86 19.26
N ASP B 43 -21.07 -3.30 20.37
CA ASP B 43 -21.49 -1.95 20.77
C ASP B 43 -21.19 -0.93 19.69
N ARG B 44 -19.98 -0.99 19.12
CA ARG B 44 -19.59 -0.09 18.06
C ARG B 44 -20.47 -0.25 16.83
N MET B 45 -20.81 -1.51 16.51
CA MET B 45 -21.64 -1.77 15.34
C MET B 45 -23.04 -1.20 15.51
N ALA B 46 -23.59 -1.30 16.74
CA ALA B 46 -24.91 -0.77 17.08
C ALA B 46 -24.93 0.76 17.15
N GLN B 47 -23.86 1.34 17.65
CA GLN B 47 -23.80 2.78 17.93
C GLN B 47 -23.27 3.68 16.80
N ASP B 48 -22.35 3.17 15.98
CA ASP B 48 -21.60 4.01 15.07
C ASP B 48 -22.07 3.91 13.61
N GLY B 49 -23.28 3.39 13.40
CA GLY B 49 -23.92 3.39 12.09
C GLY B 49 -23.74 2.11 11.30
N TRP B 50 -22.89 1.21 11.76
CA TRP B 50 -22.57 -0.01 11.01
C TRP B 50 -23.80 -0.88 10.77
N ARG B 51 -24.48 -1.23 11.84
CA ARG B 51 -25.70 -2.03 11.74
C ARG B 51 -26.74 -1.37 10.84
N ASP B 52 -26.98 -0.09 11.09
CA ASP B 52 -28.00 0.66 10.34
C ASP B 52 -27.67 0.69 8.82
N MET B 53 -26.38 0.63 8.47
CA MET B 53 -25.94 0.60 7.07
C MET B 53 -25.92 -0.80 6.47
N GLY B 54 -26.14 -1.84 7.28
CA GLY B 54 -26.28 -3.20 6.79
C GLY B 54 -25.27 -4.21 7.32
N TYR B 55 -24.28 -3.72 8.06
CA TYR B 55 -23.27 -4.59 8.64
C TYR B 55 -23.85 -5.27 9.85
N THR B 56 -24.31 -6.51 9.67
CA THR B 56 -25.09 -7.17 10.72
C THR B 56 -24.41 -8.38 11.36
N TYR B 57 -23.43 -8.99 10.67
CA TYR B 57 -22.77 -10.18 11.21
C TYR B 57 -21.56 -9.77 12.06
N LEU B 58 -21.46 -10.35 13.26
CA LEU B 58 -20.28 -10.22 14.10
C LEU B 58 -19.73 -11.63 14.26
N ASN B 59 -18.58 -11.91 13.64
CA ASN B 59 -18.12 -13.28 13.51
C ASN B 59 -16.85 -13.59 14.27
N ILE B 60 -16.94 -14.64 15.08
CA ILE B 60 -15.81 -15.24 15.76
C ILE B 60 -15.06 -16.10 14.76
N ASP B 61 -13.73 -16.04 14.79
CA ASP B 61 -12.92 -16.89 13.91
C ASP B 61 -12.16 -17.87 14.80
N ASP B 62 -10.98 -18.29 14.36
CA ASP B 62 -10.22 -19.32 15.05
C ASP B 62 -9.75 -18.85 16.44
N CYS B 63 -9.35 -19.83 17.26
CA CYS B 63 -8.78 -19.62 18.61
C CYS B 63 -9.79 -19.28 19.73
N TRP B 64 -11.07 -19.61 19.55
CA TRP B 64 -12.08 -19.38 20.60
C TRP B 64 -12.29 -20.59 21.52
N ILE B 65 -11.84 -21.76 21.07
CA ILE B 65 -12.24 -23.03 21.68
C ILE B 65 -11.37 -23.34 22.88
N GLY B 66 -12.01 -23.76 23.98
CA GLY B 66 -11.30 -24.19 25.18
C GLY B 66 -11.00 -25.68 25.11
N GLY B 67 -11.98 -26.44 24.66
CA GLY B 67 -11.85 -27.89 24.54
C GLY B 67 -13.22 -28.51 24.33
N ARG B 68 -13.31 -29.81 24.58
CA ARG B 68 -14.60 -30.49 24.58
C ARG B 68 -14.87 -31.00 25.99
N ASP B 69 -16.13 -30.95 26.42
CA ASP B 69 -16.50 -31.44 27.74
C ASP B 69 -16.54 -32.97 27.75
N ALA B 70 -16.92 -33.56 28.88
CA ALA B 70 -16.95 -35.02 29.01
C ALA B 70 -17.91 -35.72 28.03
N SER B 71 -18.89 -34.97 27.52
CA SER B 71 -19.86 -35.49 26.53
C SER B 71 -19.48 -35.16 25.09
N GLY B 72 -18.31 -34.55 24.89
CA GLY B 72 -17.81 -34.21 23.56
C GLY B 72 -18.26 -32.86 23.03
N ARG B 73 -18.95 -32.08 23.85
CA ARG B 73 -19.55 -30.81 23.42
C ARG B 73 -18.50 -29.71 23.47
N LEU B 74 -18.39 -28.93 22.39
CA LEU B 74 -17.45 -27.82 22.36
C LEU B 74 -17.72 -26.86 23.52
N MET B 75 -16.63 -26.35 24.09
CA MET B 75 -16.67 -25.29 25.09
C MET B 75 -15.72 -24.19 24.63
N PRO B 76 -16.08 -22.92 24.85
CA PRO B 76 -15.13 -21.84 24.58
C PRO B 76 -14.11 -21.77 25.70
N ASP B 77 -13.00 -21.05 25.48
CA ASP B 77 -12.00 -20.90 26.55
C ASP B 77 -12.66 -20.17 27.72
N PRO B 78 -12.71 -20.81 28.90
CA PRO B 78 -13.41 -20.25 30.06
C PRO B 78 -12.78 -18.98 30.62
N LYS B 79 -11.47 -18.84 30.44
CA LYS B 79 -10.75 -17.65 30.89
C LYS B 79 -11.05 -16.45 30.00
N ARG B 80 -11.27 -16.70 28.71
CA ARG B 80 -11.50 -15.62 27.73
C ARG B 80 -12.98 -15.41 27.40
N PHE B 81 -13.78 -16.47 27.56
CA PHE B 81 -15.23 -16.39 27.37
C PHE B 81 -15.94 -16.91 28.63
N PRO B 82 -15.78 -16.21 29.76
CA PRO B 82 -16.31 -16.70 31.05
C PRO B 82 -17.83 -16.85 31.15
N HIS B 83 -18.59 -16.07 30.37
CA HIS B 83 -20.06 -16.14 30.42
C HIS B 83 -20.63 -17.17 29.46
N GLY B 84 -19.79 -17.72 28.57
CA GLY B 84 -20.22 -18.70 27.57
C GLY B 84 -20.72 -18.07 26.29
N ILE B 85 -20.89 -18.89 25.26
CA ILE B 85 -21.34 -18.41 23.95
C ILE B 85 -22.82 -17.99 23.90
N PRO B 86 -23.72 -18.75 24.56
CA PRO B 86 -25.13 -18.31 24.59
C PRO B 86 -25.32 -16.89 25.10
N PHE B 87 -24.62 -16.53 26.17
CA PHE B 87 -24.63 -15.16 26.69
C PHE B 87 -24.20 -14.16 25.63
N LEU B 88 -23.15 -14.50 24.90
CA LEU B 88 -22.63 -13.61 23.86
C LEU B 88 -23.63 -13.46 22.71
N ALA B 89 -24.26 -14.56 22.30
CA ALA B 89 -25.27 -14.52 21.24
C ALA B 89 -26.47 -13.71 21.65
N ASP B 90 -26.93 -13.89 22.90
CA ASP B 90 -28.01 -13.08 23.46
C ASP B 90 -27.66 -11.61 23.37
N TYR B 91 -26.42 -11.27 23.75
CA TYR B 91 -25.99 -9.88 23.79
C TYR B 91 -25.99 -9.27 22.40
N VAL B 92 -25.40 -9.99 21.47
CA VAL B 92 -25.34 -9.58 20.09
C VAL B 92 -26.75 -9.43 19.51
N HIS B 93 -27.63 -10.38 19.79
CA HIS B 93 -29.02 -10.32 19.31
C HIS B 93 -29.77 -9.13 19.89
N SER B 94 -29.46 -8.78 21.12
CA SER B 94 -30.12 -7.66 21.80
C SER B 94 -29.81 -6.33 21.10
N LEU B 95 -28.71 -6.31 20.35
CA LEU B 95 -28.29 -5.12 19.61
C LEU B 95 -28.69 -5.14 18.13
N GLY B 96 -29.49 -6.13 17.73
CA GLY B 96 -29.97 -6.24 16.35
C GLY B 96 -28.95 -6.83 15.39
N LEU B 97 -27.95 -7.52 15.96
CA LEU B 97 -26.87 -8.14 15.21
C LEU B 97 -26.99 -9.67 15.21
N LYS B 98 -26.17 -10.30 14.38
CA LYS B 98 -26.12 -11.74 14.25
C LYS B 98 -24.73 -12.24 14.64
N LEU B 99 -24.66 -13.41 15.26
CA LEU B 99 -23.37 -13.98 15.69
C LEU B 99 -22.91 -15.10 14.76
N GLY B 100 -21.68 -14.96 14.27
CA GLY B 100 -21.03 -16.02 13.53
C GLY B 100 -19.97 -16.71 14.37
N ILE B 101 -19.72 -17.98 14.03
CA ILE B 101 -18.74 -18.78 14.76
C ILE B 101 -17.91 -19.57 13.74
N TYR B 102 -16.90 -20.26 14.22
CA TYR B 102 -15.88 -20.88 13.38
C TYR B 102 -15.62 -22.29 13.87
N ALA B 103 -15.44 -23.20 12.92
CA ALA B 103 -15.04 -24.56 13.20
C ALA B 103 -14.15 -25.03 12.05
N ASP B 104 -13.52 -26.18 12.23
CA ASP B 104 -12.70 -26.74 11.17
C ASP B 104 -13.07 -28.18 10.85
N MET B 105 -13.25 -28.47 9.56
CA MET B 105 -13.55 -29.82 9.07
C MET B 105 -12.23 -30.56 8.95
N GLY B 106 -11.83 -31.20 10.05
CA GLY B 106 -10.54 -31.87 10.13
C GLY B 106 -10.18 -32.11 11.58
N ASN B 107 -8.95 -32.56 11.80
CA ASN B 107 -8.48 -32.93 13.13
C ASN B 107 -8.34 -31.75 14.07
N PHE B 108 -7.82 -30.64 13.54
CA PHE B 108 -7.64 -29.41 14.30
C PHE B 108 -7.97 -28.22 13.43
N THR B 109 -8.21 -27.08 14.06
CA THR B 109 -8.31 -25.81 13.36
C THR B 109 -6.94 -25.48 12.80
N CYS B 110 -6.86 -24.51 11.90
CA CYS B 110 -5.57 -24.16 11.30
C CYS B 110 -4.54 -23.76 12.36
N MET B 111 -4.99 -23.20 13.48
CA MET B 111 -4.12 -22.81 14.61
C MET B 111 -4.00 -23.86 15.71
N GLY B 112 -4.53 -25.06 15.45
CA GLY B 112 -4.31 -26.22 16.32
C GLY B 112 -5.34 -26.44 17.41
N TYR B 113 -6.46 -25.72 17.34
CA TYR B 113 -7.55 -25.89 18.30
C TYR B 113 -8.38 -27.13 17.93
N PRO B 114 -9.23 -27.62 18.86
CA PRO B 114 -9.99 -28.84 18.55
C PRO B 114 -10.77 -28.78 17.24
N GLY B 115 -10.58 -29.79 16.40
CA GLY B 115 -11.27 -29.87 15.11
C GLY B 115 -12.63 -30.53 15.18
N THR B 116 -13.46 -30.21 14.21
CA THR B 116 -14.74 -30.86 14.02
C THR B 116 -14.50 -32.00 13.02
N THR B 117 -14.17 -33.17 13.55
CA THR B 117 -13.97 -34.36 12.72
C THR B 117 -15.33 -34.88 12.25
N LEU B 118 -15.32 -35.85 11.35
CA LEU B 118 -16.57 -36.38 10.79
C LEU B 118 -17.54 -36.86 11.87
N ASP B 119 -17.01 -37.47 12.93
CA ASP B 119 -17.85 -38.00 14.01
C ASP B 119 -18.42 -36.91 14.94
N LYS B 120 -17.94 -35.67 14.78
CA LYS B 120 -18.43 -34.55 15.60
C LYS B 120 -19.27 -33.55 14.82
N VAL B 121 -19.40 -33.75 13.51
CA VAL B 121 -20.13 -32.79 12.66
C VAL B 121 -21.54 -32.50 13.18
N VAL B 122 -22.31 -33.56 13.44
CA VAL B 122 -23.70 -33.39 13.86
C VAL B 122 -23.79 -32.77 15.26
N GLN B 123 -23.00 -33.28 16.19
CA GLN B 123 -22.99 -32.73 17.55
C GLN B 123 -22.62 -31.24 17.56
N ASP B 124 -21.65 -30.86 16.73
CA ASP B 124 -21.22 -29.47 16.68
C ASP B 124 -22.29 -28.58 16.05
N ALA B 125 -22.95 -29.06 14.99
CA ALA B 125 -24.07 -28.34 14.38
C ALA B 125 -25.19 -28.09 15.39
N GLN B 126 -25.53 -29.13 16.15
CA GLN B 126 -26.59 -29.04 17.16
C GLN B 126 -26.23 -28.05 18.28
N THR B 127 -24.98 -28.09 18.71
CA THR B 127 -24.44 -27.15 19.70
C THR B 127 -24.56 -25.70 19.23
N PHE B 128 -24.11 -25.43 18.01
CA PHE B 128 -24.18 -24.09 17.45
C PHE B 128 -25.64 -23.62 17.34
N ALA B 129 -26.54 -24.50 16.91
CA ALA B 129 -27.94 -24.13 16.80
C ALA B 129 -28.51 -23.83 18.19
N GLU B 130 -28.13 -24.65 19.18
CA GLU B 130 -28.57 -24.47 20.56
C GLU B 130 -28.10 -23.16 21.17
N TRP B 131 -26.88 -22.75 20.80
CA TRP B 131 -26.32 -21.47 21.22
C TRP B 131 -26.95 -20.27 20.48
N LYS B 132 -27.72 -20.55 19.44
CA LYS B 132 -28.38 -19.52 18.60
C LYS B 132 -27.36 -18.73 17.78
N VAL B 133 -26.36 -19.44 17.28
CA VAL B 133 -25.45 -18.93 16.26
C VAL B 133 -26.20 -18.69 14.95
N ASP B 134 -25.74 -17.72 14.16
CA ASP B 134 -26.43 -17.36 12.90
C ASP B 134 -25.61 -17.63 11.65
N MET B 135 -24.33 -17.90 11.84
CA MET B 135 -23.44 -18.16 10.72
C MET B 135 -22.31 -19.07 11.20
N LEU B 136 -21.89 -19.97 10.32
CA LEU B 136 -20.74 -20.84 10.56
C LEU B 136 -19.75 -20.77 9.40
N LYS B 137 -18.48 -20.51 9.73
CA LYS B 137 -17.37 -20.60 8.78
C LYS B 137 -16.69 -21.91 9.09
N LEU B 138 -16.62 -22.80 8.10
CA LEU B 138 -16.04 -24.11 8.28
C LEU B 138 -14.76 -24.21 7.48
N ASP B 139 -13.63 -24.15 8.19
CA ASP B 139 -12.32 -24.23 7.59
C ASP B 139 -11.99 -25.69 7.27
N GLY B 140 -10.87 -25.92 6.58
CA GLY B 140 -10.50 -27.25 6.09
C GLY B 140 -9.08 -27.73 6.32
N CYS B 141 -8.41 -27.18 7.34
CA CYS B 141 -7.06 -27.62 7.69
C CYS B 141 -7.11 -29.00 8.33
N PHE B 142 -5.99 -29.72 8.24
CA PHE B 142 -5.81 -31.01 8.91
C PHE B 142 -6.87 -32.03 8.50
N SER B 143 -7.15 -32.06 7.20
CA SER B 143 -8.09 -33.01 6.61
C SER B 143 -7.57 -33.51 5.29
N THR B 144 -8.16 -34.59 4.80
CA THR B 144 -7.87 -35.14 3.49
C THR B 144 -8.95 -34.68 2.50
N PRO B 145 -8.68 -34.81 1.20
CA PRO B 145 -9.71 -34.50 0.20
C PRO B 145 -11.00 -35.32 0.38
N GLU B 146 -10.86 -36.58 0.78
CA GLU B 146 -12.03 -37.44 0.98
C GLU B 146 -12.84 -36.97 2.18
N GLU B 147 -12.15 -36.57 3.25
CA GLU B 147 -12.84 -36.07 4.45
C GLU B 147 -13.62 -34.79 4.15
N ARG B 148 -13.03 -33.91 3.36
CA ARG B 148 -13.71 -32.68 2.95
C ARG B 148 -14.91 -32.98 2.06
N ALA B 149 -14.75 -33.91 1.12
CA ALA B 149 -15.85 -34.29 0.22
C ALA B 149 -17.04 -34.88 0.98
N GLN B 150 -16.75 -35.59 2.06
CA GLN B 150 -17.79 -36.13 2.94
C GLN B 150 -18.30 -35.06 3.91
N GLY B 151 -17.37 -34.27 4.45
CA GLY B 151 -17.65 -33.43 5.60
C GLY B 151 -18.47 -32.18 5.33
N TYR B 152 -18.13 -31.48 4.24
CA TYR B 152 -18.85 -30.26 3.92
C TYR B 152 -20.34 -30.54 3.65
N PRO B 153 -20.67 -31.53 2.79
CA PRO B 153 -22.09 -31.89 2.67
C PRO B 153 -22.70 -32.40 3.98
N LYS B 154 -21.94 -33.14 4.78
CA LYS B 154 -22.45 -33.63 6.07
C LYS B 154 -22.83 -32.48 6.99
N MET B 155 -22.01 -31.44 7.03
CA MET B 155 -22.31 -30.28 7.88
C MET B 155 -23.52 -29.51 7.34
N ALA B 156 -23.63 -29.34 6.03
CA ALA B 156 -24.79 -28.64 5.48
C ALA B 156 -26.08 -29.37 5.85
N ALA B 157 -26.04 -30.71 5.78
CA ALA B 157 -27.18 -31.54 6.14
C ALA B 157 -27.49 -31.40 7.63
N ALA B 158 -26.43 -31.41 8.46
CA ALA B 158 -26.60 -31.33 9.91
C ALA B 158 -27.18 -29.99 10.33
N LEU B 159 -26.69 -28.91 9.74
CA LEU B 159 -27.22 -27.57 10.02
C LEU B 159 -28.69 -27.50 9.65
N ASN B 160 -29.03 -28.03 8.48
CA ASN B 160 -30.41 -28.02 8.02
C ASN B 160 -31.32 -28.74 9.02
N ALA B 161 -30.87 -29.90 9.48
CA ALA B 161 -31.66 -30.73 10.39
C ALA B 161 -31.90 -30.10 11.76
N THR B 162 -31.12 -29.08 12.14
CA THR B 162 -31.37 -28.39 13.42
C THR B 162 -32.63 -27.54 13.39
N GLY B 163 -33.07 -27.15 12.19
CA GLY B 163 -34.20 -26.26 12.03
C GLY B 163 -33.89 -24.78 12.17
N ARG B 164 -32.67 -24.44 12.62
CA ARG B 164 -32.26 -23.04 12.72
C ARG B 164 -31.54 -22.60 11.43
N PRO B 165 -32.02 -21.51 10.80
CA PRO B 165 -31.27 -20.96 9.66
C PRO B 165 -29.89 -20.47 10.10
N ILE B 166 -28.85 -21.09 9.55
CA ILE B 166 -27.48 -20.72 9.87
C ILE B 166 -26.73 -20.51 8.55
N ALA B 167 -26.23 -19.30 8.34
CA ALA B 167 -25.51 -19.03 7.10
C ALA B 167 -24.24 -19.89 7.11
N PHE B 168 -23.93 -20.49 5.98
CA PHE B 168 -22.83 -21.45 5.93
C PHE B 168 -21.76 -20.98 4.95
N SER B 169 -20.58 -20.71 5.49
CA SER B 169 -19.41 -20.23 4.75
C SER B 169 -18.40 -21.38 4.66
N CYS B 170 -18.08 -21.81 3.44
CA CYS B 170 -17.27 -23.02 3.23
C CYS B 170 -15.92 -22.70 2.64
N SER B 171 -14.85 -23.14 3.28
CA SER B 171 -13.51 -22.95 2.72
C SER B 171 -13.08 -24.07 1.77
N TRP B 172 -13.95 -25.06 1.57
CA TRP B 172 -13.65 -26.25 0.77
C TRP B 172 -12.85 -26.01 -0.52
N PRO B 173 -13.37 -25.16 -1.45
CA PRO B 173 -12.63 -24.98 -2.71
C PRO B 173 -11.21 -24.44 -2.61
N ALA B 174 -10.92 -23.61 -1.61
CA ALA B 174 -9.57 -23.06 -1.44
C ALA B 174 -8.53 -24.16 -1.24
N TYR B 175 -8.94 -25.24 -0.59
CA TYR B 175 -8.06 -26.41 -0.35
C TYR B 175 -7.91 -27.33 -1.56
N GLU B 176 -8.71 -27.13 -2.61
CA GLU B 176 -8.69 -27.94 -3.82
C GLU B 176 -8.21 -27.17 -5.06
N GLY B 177 -7.68 -25.97 -4.87
CA GLY B 177 -7.17 -25.17 -5.97
C GLY B 177 -8.18 -24.24 -6.62
N GLY B 178 -9.42 -24.28 -6.15
CA GLY B 178 -10.44 -23.29 -6.52
C GLY B 178 -11.11 -23.47 -7.87
N LEU B 179 -10.71 -24.50 -8.62
CA LEU B 179 -11.14 -24.63 -10.01
C LEU B 179 -11.63 -26.04 -10.33
N PRO B 180 -12.49 -26.16 -11.37
CA PRO B 180 -12.84 -27.48 -11.90
C PRO B 180 -11.61 -28.09 -12.58
N PRO B 181 -11.55 -29.42 -12.67
CA PRO B 181 -12.57 -30.36 -12.19
C PRO B 181 -12.50 -30.71 -10.71
N ARG B 182 -11.44 -30.31 -10.01
CA ARG B 182 -11.32 -30.66 -8.59
C ARG B 182 -12.42 -30.02 -7.75
N VAL B 183 -12.84 -28.82 -8.12
CA VAL B 183 -13.96 -28.14 -7.47
C VAL B 183 -15.22 -28.22 -8.33
N GLN B 184 -16.34 -28.61 -7.70
CA GLN B 184 -17.63 -28.70 -8.38
C GLN B 184 -18.53 -27.60 -7.84
N TYR B 185 -18.55 -26.46 -8.54
CA TYR B 185 -19.27 -25.28 -8.05
C TYR B 185 -20.80 -25.47 -8.02
N SER B 186 -21.31 -26.37 -8.85
CA SER B 186 -22.73 -26.71 -8.80
C SER B 186 -23.12 -27.31 -7.46
N LEU B 187 -22.27 -28.18 -6.92
CA LEU B 187 -22.54 -28.74 -5.59
C LEU B 187 -22.36 -27.68 -4.51
N LEU B 188 -21.28 -26.90 -4.60
CA LEU B 188 -21.03 -25.85 -3.61
C LEU B 188 -22.21 -24.90 -3.49
N ALA B 189 -22.77 -24.50 -4.62
CA ALA B 189 -23.91 -23.59 -4.63
C ALA B 189 -25.13 -24.18 -3.93
N ASP B 190 -25.26 -25.51 -3.96
CA ASP B 190 -26.36 -26.18 -3.30
C ASP B 190 -26.14 -26.44 -1.81
N ILE B 191 -24.89 -26.44 -1.34
CA ILE B 191 -24.63 -26.73 0.08
C ILE B 191 -24.09 -25.57 0.92
N CYS B 192 -23.66 -24.49 0.28
CA CYS B 192 -23.03 -23.35 0.99
C CYS B 192 -23.61 -22.02 0.54
N ASN B 193 -23.67 -21.05 1.46
CA ASN B 193 -24.07 -19.68 1.14
C ASN B 193 -22.92 -18.83 0.58
N LEU B 194 -21.68 -19.19 0.92
CA LEU B 194 -20.52 -18.54 0.35
C LEU B 194 -19.33 -19.45 0.52
N TRP B 195 -18.31 -19.25 -0.30
CA TRP B 195 -17.14 -20.11 -0.23
C TRP B 195 -15.89 -19.33 -0.53
N ARG B 196 -14.84 -19.63 0.24
CA ARG B 196 -13.52 -19.08 -0.01
C ARG B 196 -12.89 -19.88 -1.16
N ASN B 197 -12.71 -19.22 -2.29
CA ASN B 197 -12.15 -19.84 -3.50
C ASN B 197 -10.63 -19.96 -3.47
N TYR B 198 -9.96 -19.05 -2.77
CA TYR B 198 -8.54 -18.78 -3.00
C TYR B 198 -7.81 -18.42 -1.69
N ASP B 199 -6.59 -17.90 -1.82
CA ASP B 199 -5.68 -17.70 -0.68
C ASP B 199 -6.22 -16.73 0.34
N ASP B 200 -5.80 -16.92 1.59
CA ASP B 200 -6.10 -15.96 2.65
C ASP B 200 -5.55 -14.61 2.28
N ILE B 201 -6.32 -13.57 2.54
CA ILE B 201 -5.84 -12.21 2.32
C ILE B 201 -4.89 -11.83 3.45
N GLN B 202 -3.86 -11.06 3.12
CA GLN B 202 -2.95 -10.50 4.12
C GLN B 202 -2.97 -8.98 4.01
N ASP B 203 -2.43 -8.27 5.00
CA ASP B 203 -2.54 -6.81 5.04
C ASP B 203 -1.49 -6.14 4.14
N SER B 204 -1.71 -6.28 2.83
CA SER B 204 -0.84 -5.72 1.82
C SER B 204 -1.59 -5.53 0.53
N TRP B 205 -1.18 -4.52 -0.24
CA TRP B 205 -1.71 -4.31 -1.56
C TRP B 205 -1.36 -5.44 -2.50
N TRP B 206 -0.15 -5.99 -2.39
CA TRP B 206 0.23 -7.15 -3.19
C TRP B 206 -0.77 -8.30 -3.00
N SER B 207 -1.21 -8.51 -1.76
CA SER B 207 -2.19 -9.56 -1.48
C SER B 207 -3.52 -9.30 -2.19
N VAL B 208 -4.01 -8.07 -2.12
CA VAL B 208 -5.24 -7.69 -2.80
C VAL B 208 -5.12 -7.94 -4.30
N LEU B 209 -4.01 -7.48 -4.89
CA LEU B 209 -3.78 -7.67 -6.33
C LEU B 209 -3.72 -9.13 -6.72
N SER B 210 -3.09 -9.95 -5.86
CA SER B 210 -2.95 -11.37 -6.12
CA SER B 210 -2.96 -11.37 -6.12
C SER B 210 -4.34 -12.02 -6.21
N ILE B 211 -5.20 -11.65 -5.27
CA ILE B 211 -6.55 -12.17 -5.22
C ILE B 211 -7.36 -11.68 -6.42
N LEU B 212 -7.32 -10.38 -6.67
CA LEU B 212 -8.04 -9.80 -7.81
C LEU B 212 -7.64 -10.46 -9.13
N ASN B 213 -6.34 -10.62 -9.34
N ASN B 213 -6.33 -10.61 -9.34
CA ASN B 213 -5.82 -11.17 -10.60
CA ASN B 213 -5.76 -11.21 -10.54
C ASN B 213 -6.23 -12.63 -10.81
C ASN B 213 -6.31 -12.61 -10.78
N TRP B 214 -6.33 -13.40 -9.73
CA TRP B 214 -6.80 -14.80 -9.80
C TRP B 214 -8.29 -14.82 -10.15
N PHE B 215 -9.08 -14.01 -9.48
CA PHE B 215 -10.50 -13.90 -9.79
C PHE B 215 -10.75 -13.45 -11.24
N VAL B 216 -9.97 -12.50 -11.74
CA VAL B 216 -10.12 -12.05 -13.13
C VAL B 216 -9.64 -13.09 -14.13
N GLU B 217 -8.49 -13.71 -13.86
CA GLU B 217 -8.00 -14.80 -14.72
C GLU B 217 -9.04 -15.90 -14.91
N HIS B 218 -9.78 -16.19 -13.85
CA HIS B 218 -10.74 -17.29 -13.85
C HIS B 218 -12.21 -16.83 -13.86
N GLN B 219 -12.48 -15.60 -14.31
CA GLN B 219 -13.84 -15.06 -14.17
C GLN B 219 -14.86 -15.78 -15.06
N ASP B 220 -14.43 -16.36 -16.19
CA ASP B 220 -15.37 -17.13 -17.04
C ASP B 220 -15.99 -18.30 -16.29
N ILE B 221 -15.25 -18.86 -15.34
CA ILE B 221 -15.73 -19.94 -14.49
C ILE B 221 -16.45 -19.40 -13.26
N LEU B 222 -15.88 -18.36 -12.65
CA LEU B 222 -16.35 -17.93 -11.35
C LEU B 222 -17.55 -16.99 -11.43
N GLN B 223 -17.59 -16.11 -12.43
CA GLN B 223 -18.67 -15.10 -12.47
C GLN B 223 -20.07 -15.72 -12.47
N PRO B 224 -20.29 -16.76 -13.30
CA PRO B 224 -21.65 -17.30 -13.40
C PRO B 224 -22.16 -18.04 -12.15
N VAL B 225 -21.27 -18.47 -11.26
CA VAL B 225 -21.66 -19.35 -10.15
C VAL B 225 -22.24 -18.55 -8.99
N ALA B 226 -21.97 -17.24 -8.97
CA ALA B 226 -22.45 -16.39 -7.90
C ALA B 226 -23.87 -15.93 -8.14
N GLY B 227 -24.61 -15.78 -7.05
CA GLY B 227 -25.94 -15.18 -7.10
C GLY B 227 -26.62 -15.27 -5.75
N PRO B 228 -27.87 -14.79 -5.66
CA PRO B 228 -28.56 -14.79 -4.38
C PRO B 228 -28.51 -16.15 -3.67
N GLY B 229 -27.97 -16.14 -2.46
CA GLY B 229 -27.85 -17.32 -1.62
C GLY B 229 -26.55 -18.09 -1.78
N HIS B 230 -25.70 -17.69 -2.71
CA HIS B 230 -24.46 -18.43 -2.97
C HIS B 230 -23.39 -17.59 -3.65
N TRP B 231 -22.43 -17.10 -2.86
CA TRP B 231 -21.45 -16.10 -3.29
C TRP B 231 -20.03 -16.62 -3.33
N ASN B 232 -19.23 -16.10 -4.26
CA ASN B 232 -17.80 -16.23 -4.18
C ASN B 232 -17.29 -15.31 -3.06
N ASP B 233 -16.26 -15.75 -2.36
CA ASP B 233 -15.68 -14.98 -1.23
C ASP B 233 -14.18 -14.80 -1.47
N PRO B 234 -13.76 -13.59 -1.90
CA PRO B 234 -12.34 -13.27 -2.08
C PRO B 234 -11.63 -12.89 -0.76
N ASP B 235 -12.35 -13.02 0.35
CA ASP B 235 -11.84 -12.83 1.73
C ASP B 235 -12.04 -11.38 2.20
N MET B 236 -11.55 -11.09 3.41
CA MET B 236 -11.91 -9.90 4.15
C MET B 236 -11.42 -8.57 3.54
N LEU B 237 -12.16 -7.52 3.86
CA LEU B 237 -11.74 -6.16 3.57
C LEU B 237 -10.62 -5.79 4.52
N LEU B 238 -9.63 -5.05 4.02
CA LEU B 238 -8.46 -4.63 4.80
C LEU B 238 -8.57 -3.17 5.28
N ILE B 239 -9.68 -2.52 4.91
CA ILE B 239 -9.86 -1.11 5.16
C ILE B 239 -9.87 -0.85 6.66
N GLY B 240 -9.06 0.11 7.10
CA GLY B 240 -8.93 0.43 8.52
C GLY B 240 -7.65 -0.07 9.15
N ASN B 241 -6.92 -0.91 8.42
CA ASN B 241 -5.72 -1.53 8.98
C ASN B 241 -4.44 -0.82 8.52
N PHE B 242 -3.35 -1.56 8.28
CA PHE B 242 -2.03 -0.93 8.19
C PHE B 242 -1.42 -0.89 6.81
N GLY B 243 -1.86 -1.80 5.95
CA GLY B 243 -1.15 -2.09 4.70
C GLY B 243 -1.61 -1.29 3.50
N LEU B 244 -2.86 -0.82 3.50
CA LEU B 244 -3.40 -0.11 2.34
C LEU B 244 -3.37 1.39 2.50
N SER B 245 -2.94 2.08 1.45
CA SER B 245 -3.07 3.53 1.33
C SER B 245 -4.55 3.90 1.17
N LEU B 246 -4.83 5.20 1.17
CA LEU B 246 -6.20 5.68 0.96
C LEU B 246 -6.74 5.22 -0.40
N GLU B 247 -5.95 5.43 -1.44
CA GLU B 247 -6.38 5.04 -2.80
C GLU B 247 -6.65 3.54 -2.87
N GLN B 248 -5.77 2.76 -2.24
CA GLN B 248 -5.90 1.30 -2.23
C GLN B 248 -7.11 0.83 -1.45
N SER B 249 -7.42 1.52 -0.36
CA SER B 249 -8.58 1.21 0.47
C SER B 249 -9.87 1.46 -0.33
N ARG B 250 -9.94 2.61 -1.00
CA ARG B 250 -11.08 2.91 -1.86
C ARG B 250 -11.17 1.90 -3.00
N ALA B 251 -10.02 1.46 -3.51
CA ALA B 251 -10.02 0.49 -4.59
C ALA B 251 -10.57 -0.86 -4.14
N GLN B 252 -10.10 -1.37 -3.00
CA GLN B 252 -10.61 -2.65 -2.54
C GLN B 252 -12.13 -2.63 -2.34
N MET B 253 -12.65 -1.57 -1.72
CA MET B 253 -14.08 -1.45 -1.48
C MET B 253 -14.84 -1.52 -2.82
N ALA B 254 -14.36 -0.76 -3.80
CA ALA B 254 -15.03 -0.68 -5.09
C ALA B 254 -14.98 -2.00 -5.83
N LEU B 255 -13.82 -2.66 -5.80
CA LEU B 255 -13.65 -3.90 -6.55
C LEU B 255 -14.39 -5.09 -5.91
N TRP B 256 -14.39 -5.16 -4.59
CA TRP B 256 -15.18 -6.18 -3.90
C TRP B 256 -16.67 -5.95 -4.21
N THR B 257 -17.08 -4.69 -4.30
CA THR B 257 -18.46 -4.37 -4.60
C THR B 257 -18.86 -4.82 -6.01
N VAL B 258 -18.00 -4.56 -7.00
CA VAL B 258 -18.27 -4.92 -8.39
C VAL B 258 -18.25 -6.46 -8.55
N LEU B 259 -17.52 -7.16 -7.66
CA LEU B 259 -17.45 -8.62 -7.66
C LEU B 259 -18.56 -9.30 -6.84
N ALA B 260 -19.50 -8.52 -6.29
CA ALA B 260 -20.56 -9.07 -5.45
C ALA B 260 -19.97 -9.91 -4.34
N ALA B 261 -18.91 -9.39 -3.71
CA ALA B 261 -18.25 -10.04 -2.61
C ALA B 261 -18.95 -9.74 -1.30
N PRO B 262 -18.78 -10.63 -0.31
CA PRO B 262 -19.11 -10.26 1.06
C PRO B 262 -18.37 -9.00 1.43
N LEU B 263 -18.98 -8.15 2.26
CA LEU B 263 -18.29 -6.99 2.83
C LEU B 263 -18.06 -7.32 4.28
N LEU B 264 -17.04 -8.13 4.51
CA LEU B 264 -16.68 -8.57 5.85
C LEU B 264 -15.43 -7.80 6.26
N MET B 265 -15.65 -6.81 7.11
CA MET B 265 -14.57 -6.03 7.67
C MET B 265 -13.80 -6.85 8.68
N SER B 266 -12.58 -6.42 8.95
CA SER B 266 -11.79 -6.99 10.03
C SER B 266 -10.77 -5.94 10.44
N THR B 267 -11.20 -5.09 11.36
CA THR B 267 -10.43 -3.91 11.75
C THR B 267 -10.94 -3.45 13.11
N ASP B 268 -10.16 -2.63 13.80
CA ASP B 268 -10.53 -2.18 15.13
C ASP B 268 -11.53 -1.05 15.03
N LEU B 269 -12.81 -1.37 15.25
CA LEU B 269 -13.89 -0.41 15.08
C LEU B 269 -13.86 0.67 16.16
N ARG B 270 -13.09 0.42 17.22
CA ARG B 270 -12.96 1.37 18.31
C ARG B 270 -12.06 2.55 17.98
N THR B 271 -11.17 2.38 17.01
CA THR B 271 -10.21 3.42 16.64
C THR B 271 -10.20 3.77 15.15
N ILE B 272 -11.15 3.23 14.40
CA ILE B 272 -11.18 3.44 12.95
C ILE B 272 -11.31 4.94 12.64
N SER B 273 -10.58 5.40 11.62
CA SER B 273 -10.61 6.80 11.24
C SER B 273 -11.92 7.15 10.53
N ALA B 274 -12.29 8.43 10.58
CA ALA B 274 -13.46 8.91 9.85
C ALA B 274 -13.32 8.63 8.35
N GLN B 275 -12.11 8.82 7.82
CA GLN B 275 -11.83 8.60 6.41
C GLN B 275 -12.17 7.16 5.98
N ASN B 276 -11.76 6.20 6.80
CA ASN B 276 -12.02 4.79 6.53
C ASN B 276 -13.48 4.41 6.79
N MET B 277 -14.08 4.99 7.82
CA MET B 277 -15.50 4.78 8.05
C MET B 277 -16.33 5.25 6.86
N ASP B 278 -15.96 6.40 6.30
CA ASP B 278 -16.66 6.96 5.16
C ASP B 278 -16.61 6.05 3.94
N ILE B 279 -15.51 5.31 3.78
CA ILE B 279 -15.40 4.35 2.68
C ILE B 279 -16.38 3.20 2.90
N LEU B 280 -16.31 2.62 4.09
CA LEU B 280 -17.10 1.41 4.39
C LEU B 280 -18.59 1.70 4.54
N GLN B 281 -18.94 2.92 4.92
CA GLN B 281 -20.34 3.30 5.12
C GLN B 281 -20.94 4.11 3.97
N ASN B 282 -20.27 4.12 2.82
CA ASN B 282 -20.77 4.83 1.64
C ASN B 282 -22.10 4.19 1.20
N PRO B 283 -23.21 4.97 1.27
CA PRO B 283 -24.52 4.31 1.06
C PRO B 283 -24.75 3.82 -0.37
N LEU B 284 -24.21 4.55 -1.35
CA LEU B 284 -24.36 4.13 -2.74
C LEU B 284 -23.52 2.89 -3.02
N MET B 285 -22.29 2.87 -2.51
CA MET B 285 -21.44 1.67 -2.61
C MET B 285 -22.17 0.43 -2.07
N ILE B 286 -22.75 0.59 -0.88
CA ILE B 286 -23.46 -0.52 -0.25
C ILE B 286 -24.71 -0.95 -1.06
N LYS B 287 -25.50 0.00 -1.54
CA LYS B 287 -26.66 -0.32 -2.42
C LYS B 287 -26.22 -1.14 -3.62
N ILE B 288 -25.09 -0.76 -4.21
CA ILE B 288 -24.55 -1.47 -5.35
C ILE B 288 -24.15 -2.89 -4.94
N ASN B 289 -23.41 -3.03 -3.85
CA ASN B 289 -22.97 -4.35 -3.41
C ASN B 289 -24.17 -5.24 -3.15
N GLN B 290 -25.21 -4.66 -2.53
CA GLN B 290 -26.42 -5.38 -2.14
C GLN B 290 -27.51 -5.45 -3.20
N ASP B 291 -27.14 -5.18 -4.45
CA ASP B 291 -28.13 -5.14 -5.53
C ASP B 291 -28.90 -6.46 -5.57
N PRO B 292 -30.23 -6.39 -5.64
CA PRO B 292 -31.01 -7.63 -5.52
C PRO B 292 -30.81 -8.67 -6.62
N LEU B 293 -30.34 -8.28 -7.80
CA LEU B 293 -30.08 -9.27 -8.86
C LEU B 293 -28.90 -10.19 -8.53
N GLY B 294 -27.97 -9.72 -7.69
CA GLY B 294 -26.84 -10.54 -7.28
C GLY B 294 -25.98 -11.04 -8.43
N ILE B 295 -25.81 -10.22 -9.47
CA ILE B 295 -24.99 -10.60 -10.61
C ILE B 295 -23.57 -10.13 -10.38
N GLN B 296 -22.64 -11.08 -10.27
CA GLN B 296 -21.23 -10.72 -10.15
C GLN B 296 -20.70 -10.02 -11.40
N GLY B 297 -19.88 -8.99 -11.19
CA GLY B 297 -19.25 -8.26 -12.27
C GLY B 297 -18.07 -8.97 -12.90
N ARG B 298 -17.47 -8.30 -13.89
CA ARG B 298 -16.35 -8.83 -14.67
C ARG B 298 -15.44 -7.69 -15.01
N ARG B 299 -14.18 -8.01 -15.28
CA ARG B 299 -13.31 -7.06 -15.98
C ARG B 299 -13.72 -7.13 -17.43
N ILE B 300 -14.04 -5.97 -18.01
CA ILE B 300 -14.47 -5.91 -19.41
C ILE B 300 -13.44 -5.30 -20.35
N HIS B 301 -12.42 -4.65 -19.81
CA HIS B 301 -11.44 -3.98 -20.66
C HIS B 301 -10.12 -3.87 -19.90
N LYS B 302 -9.03 -4.06 -20.62
CA LYS B 302 -7.70 -3.81 -20.08
C LYS B 302 -6.95 -3.10 -21.19
N GLU B 303 -6.25 -2.02 -20.82
CA GLU B 303 -5.54 -1.18 -21.77
C GLU B 303 -4.03 -1.28 -21.55
N LYS B 304 -3.26 -1.01 -22.60
CA LYS B 304 -1.80 -0.92 -22.52
C LYS B 304 -1.35 0.10 -21.46
N SER B 305 -2.18 1.12 -21.26
CA SER B 305 -1.95 2.13 -20.22
C SER B 305 -2.07 1.60 -18.78
N LEU B 306 -2.40 0.31 -18.62
CA LEU B 306 -2.61 -0.33 -17.32
C LEU B 306 -3.85 0.18 -16.59
N ILE B 307 -4.79 0.74 -17.34
CA ILE B 307 -6.11 1.02 -16.81
C ILE B 307 -6.99 -0.19 -17.12
N GLU B 308 -7.72 -0.65 -16.12
CA GLU B 308 -8.67 -1.75 -16.27
C GLU B 308 -10.05 -1.22 -15.99
N VAL B 309 -11.06 -1.78 -16.66
CA VAL B 309 -12.43 -1.39 -16.43
C VAL B 309 -13.25 -2.64 -16.09
N TYR B 310 -14.01 -2.53 -15.01
CA TYR B 310 -14.87 -3.57 -14.49
C TYR B 310 -16.29 -3.06 -14.63
N MET B 311 -17.22 -3.96 -14.92
CA MET B 311 -18.63 -3.59 -14.99
C MET B 311 -19.46 -4.65 -14.27
N ARG B 312 -20.44 -4.18 -13.51
CA ARG B 312 -21.41 -5.04 -12.85
C ARG B 312 -22.83 -4.63 -13.24
N PRO B 313 -23.61 -5.56 -13.82
CA PRO B 313 -25.01 -5.27 -14.09
C PRO B 313 -25.82 -5.15 -12.82
N LEU B 314 -26.75 -4.20 -12.80
CA LEU B 314 -27.58 -3.93 -11.65
C LEU B 314 -29.06 -3.87 -12.02
N SER B 315 -29.88 -3.74 -10.99
CA SER B 315 -31.32 -3.61 -11.13
C SER B 315 -31.67 -2.41 -11.98
N ASN B 316 -32.81 -2.48 -12.64
CA ASN B 316 -33.36 -1.36 -13.39
C ASN B 316 -32.46 -0.86 -14.53
N LYS B 317 -31.78 -1.80 -15.17
CA LYS B 317 -30.97 -1.54 -16.37
C LYS B 317 -29.79 -0.61 -16.07
N ALA B 318 -29.46 -0.48 -14.78
CA ALA B 318 -28.29 0.29 -14.35
C ALA B 318 -27.05 -0.59 -14.33
N SER B 319 -25.89 0.05 -14.19
CA SER B 319 -24.61 -0.65 -14.14
C SER B 319 -23.69 0.06 -13.15
N ALA B 320 -22.69 -0.67 -12.65
CA ALA B 320 -21.57 -0.04 -11.95
C ALA B 320 -20.33 -0.22 -12.82
N LEU B 321 -19.58 0.84 -13.01
CA LEU B 321 -18.30 0.81 -13.69
C LEU B 321 -17.21 1.18 -12.71
N VAL B 322 -16.14 0.40 -12.67
CA VAL B 322 -14.96 0.76 -11.90
C VAL B 322 -13.81 0.90 -12.85
N PHE B 323 -13.22 2.09 -12.89
CA PHE B 323 -12.03 2.36 -13.67
C PHE B 323 -10.86 2.24 -12.70
N PHE B 324 -9.95 1.30 -12.95
CA PHE B 324 -8.91 0.94 -11.98
C PHE B 324 -7.55 1.12 -12.59
N SER B 325 -6.69 1.87 -11.89
CA SER B 325 -5.34 2.10 -12.36
C SER B 325 -4.35 1.19 -11.69
N CYS B 326 -3.74 0.31 -12.46
CA CYS B 326 -2.58 -0.48 -12.00
C CYS B 326 -1.24 0.22 -12.24
N ARG B 327 -1.29 1.49 -12.65
CA ARG B 327 -0.10 2.29 -12.80
C ARG B 327 0.51 2.61 -11.45
N THR B 328 1.81 2.90 -11.45
CA THR B 328 2.52 3.27 -10.23
C THR B 328 3.31 4.56 -10.42
N ASP B 329 2.79 5.47 -11.25
CA ASP B 329 3.48 6.74 -11.51
C ASP B 329 2.74 7.96 -10.93
N MET B 330 1.58 8.28 -11.46
CA MET B 330 0.88 9.52 -11.10
C MET B 330 -0.54 9.47 -11.64
N PRO B 331 -1.36 10.48 -11.31
CA PRO B 331 -2.72 10.46 -11.83
C PRO B 331 -2.76 10.36 -13.35
N TYR B 332 -3.72 9.61 -13.86
CA TYR B 332 -3.83 9.34 -15.28
C TYR B 332 -5.19 9.78 -15.80
N ARG B 333 -5.19 10.50 -16.91
CA ARG B 333 -6.40 10.93 -17.59
C ARG B 333 -6.81 9.84 -18.59
N TYR B 334 -7.83 9.08 -18.22
CA TYR B 334 -8.31 7.98 -19.04
C TYR B 334 -9.44 8.48 -19.92
N HIS B 335 -9.26 8.34 -21.23
CA HIS B 335 -10.22 8.81 -22.23
C HIS B 335 -10.93 7.61 -22.78
N SER B 336 -12.26 7.61 -22.70
CA SER B 336 -13.05 6.52 -23.27
C SER B 336 -14.42 7.01 -23.66
N SER B 337 -15.31 6.06 -23.93
CA SER B 337 -16.71 6.32 -24.19
C SER B 337 -17.46 5.04 -23.90
N LEU B 338 -18.75 5.14 -23.64
CA LEU B 338 -19.55 3.96 -23.31
C LEU B 338 -19.57 2.98 -24.49
N GLY B 339 -19.59 3.52 -25.70
CA GLY B 339 -19.48 2.68 -26.91
C GLY B 339 -18.24 1.79 -26.92
N GLN B 340 -17.12 2.32 -26.46
CA GLN B 340 -15.87 1.56 -26.41
C GLN B 340 -15.89 0.51 -25.29
N LEU B 341 -16.80 0.69 -24.33
CA LEU B 341 -16.99 -0.26 -23.23
C LEU B 341 -18.18 -1.20 -23.50
N ASN B 342 -18.48 -1.41 -24.78
CA ASN B 342 -19.48 -2.38 -25.23
C ASN B 342 -20.92 -2.07 -24.78
N PHE B 343 -21.23 -0.79 -24.59
CA PHE B 343 -22.61 -0.34 -24.46
C PHE B 343 -23.14 -0.06 -25.87
N THR B 344 -24.31 -0.62 -26.18
CA THR B 344 -24.95 -0.43 -27.49
C THR B 344 -26.39 0.02 -27.31
N GLY B 345 -27.05 0.35 -28.42
CA GLY B 345 -28.41 0.86 -28.39
C GLY B 345 -28.44 2.38 -28.38
N SER B 346 -29.64 2.93 -28.20
CA SER B 346 -29.83 4.38 -28.31
C SER B 346 -30.02 5.05 -26.94
N VAL B 347 -29.60 4.37 -25.88
CA VAL B 347 -29.84 4.86 -24.53
C VAL B 347 -28.94 6.05 -24.20
N ILE B 348 -29.53 7.10 -23.62
CA ILE B 348 -28.80 8.20 -23.01
C ILE B 348 -28.67 7.92 -21.54
N TYR B 349 -27.47 8.11 -20.98
CA TYR B 349 -27.19 7.77 -19.60
C TYR B 349 -26.81 8.98 -18.76
N GLU B 350 -26.89 8.77 -17.44
CA GLU B 350 -26.30 9.66 -16.47
C GLU B 350 -25.47 8.82 -15.50
N ALA B 351 -24.46 9.40 -14.88
CA ALA B 351 -23.64 8.66 -13.93
C ALA B 351 -23.45 9.47 -12.66
N GLN B 352 -23.46 8.78 -11.53
CA GLN B 352 -23.01 9.36 -10.28
C GLN B 352 -21.68 8.73 -9.87
N ASP B 353 -20.71 9.60 -9.57
CA ASP B 353 -19.41 9.16 -9.06
C ASP B 353 -19.63 8.72 -7.63
N VAL B 354 -19.32 7.46 -7.35
CA VAL B 354 -19.68 6.87 -6.07
C VAL B 354 -18.95 7.50 -4.88
N TYR B 355 -17.69 7.91 -5.09
CA TYR B 355 -16.91 8.51 -4.01
C TYR B 355 -17.08 10.03 -3.86
N SER B 356 -17.28 10.74 -4.97
CA SER B 356 -17.42 12.22 -4.92
C SER B 356 -18.89 12.67 -4.84
N GLY B 357 -19.81 11.85 -5.33
CA GLY B 357 -21.22 12.20 -5.40
C GLY B 357 -21.58 13.02 -6.62
N ASP B 358 -20.59 13.40 -7.41
CA ASP B 358 -20.81 14.23 -8.60
C ASP B 358 -21.58 13.52 -9.70
N ILE B 359 -22.45 14.27 -10.38
CA ILE B 359 -23.27 13.74 -11.46
C ILE B 359 -22.70 14.16 -12.80
N ILE B 360 -22.57 13.18 -13.71
CA ILE B 360 -22.23 13.43 -15.10
C ILE B 360 -23.45 13.12 -15.95
N SER B 361 -23.95 14.12 -16.68
CA SER B 361 -25.18 13.97 -17.43
C SER B 361 -24.94 13.97 -18.93
N GLY B 362 -25.87 13.34 -19.67
CA GLY B 362 -25.87 13.39 -21.12
C GLY B 362 -24.88 12.48 -21.81
N LEU B 363 -24.65 11.30 -21.23
CA LEU B 363 -23.73 10.32 -21.81
C LEU B 363 -24.45 9.45 -22.84
N ARG B 364 -24.10 9.64 -24.11
CA ARG B 364 -24.49 8.72 -25.19
C ARG B 364 -23.34 7.74 -25.42
N ASP B 365 -23.62 6.67 -26.15
CA ASP B 365 -22.57 5.70 -26.51
C ASP B 365 -21.35 6.39 -27.14
N GLU B 366 -21.60 7.42 -27.94
CA GLU B 366 -20.53 8.07 -28.73
C GLU B 366 -19.79 9.16 -27.97
N THR B 367 -20.30 9.54 -26.79
CA THR B 367 -19.79 10.68 -26.06
C THR B 367 -18.42 10.38 -25.43
N ASN B 368 -17.43 11.17 -25.82
CA ASN B 368 -16.10 11.06 -25.23
C ASN B 368 -16.11 11.62 -23.81
N PHE B 369 -15.55 10.87 -22.86
CA PHE B 369 -15.40 11.35 -21.50
C PHE B 369 -13.99 11.07 -21.01
N THR B 370 -13.60 11.77 -19.95
CA THR B 370 -12.29 11.60 -19.32
C THR B 370 -12.49 11.41 -17.83
N VAL B 371 -11.84 10.40 -17.25
CA VAL B 371 -11.80 10.25 -15.79
C VAL B 371 -10.34 10.27 -15.35
N ILE B 372 -10.09 10.93 -14.21
CA ILE B 372 -8.76 11.04 -13.63
C ILE B 372 -8.62 9.99 -12.55
N ILE B 373 -7.70 9.06 -12.75
CA ILE B 373 -7.54 7.91 -11.85
C ILE B 373 -6.15 7.95 -11.24
N ASN B 374 -6.09 7.87 -9.92
CA ASN B 374 -4.84 7.87 -9.19
C ASN B 374 -4.19 6.49 -9.18
N PRO B 375 -2.86 6.44 -9.06
CA PRO B 375 -2.17 5.16 -9.07
C PRO B 375 -2.62 4.24 -7.94
N SER B 376 -2.83 2.98 -8.27
CA SER B 376 -3.41 1.98 -7.36
C SER B 376 -4.78 2.44 -6.82
N GLY B 377 -5.49 3.20 -7.62
CA GLY B 377 -6.79 3.77 -7.23
C GLY B 377 -7.86 3.53 -8.26
N VAL B 378 -9.07 4.00 -7.94
CA VAL B 378 -10.22 3.84 -8.81
C VAL B 378 -11.01 5.12 -8.97
N VAL B 379 -11.82 5.11 -10.02
CA VAL B 379 -12.99 5.97 -10.17
C VAL B 379 -14.15 4.99 -10.36
N MET B 380 -15.22 5.20 -9.62
CA MET B 380 -16.39 4.34 -9.73
C MET B 380 -17.65 5.14 -10.07
N TRP B 381 -18.39 4.64 -11.05
CA TRP B 381 -19.65 5.25 -11.46
C TRP B 381 -20.83 4.32 -11.21
N TYR B 382 -21.94 4.89 -10.76
CA TYR B 382 -23.24 4.27 -10.86
C TYR B 382 -23.90 4.88 -12.09
N LEU B 383 -24.15 4.05 -13.10
CA LEU B 383 -24.55 4.46 -14.43
C LEU B 383 -25.98 4.01 -14.68
N TYR B 384 -26.85 4.93 -15.06
CA TYR B 384 -28.24 4.60 -15.26
C TYR B 384 -28.83 5.32 -16.48
N PRO B 385 -29.76 4.67 -17.18
CA PRO B 385 -30.45 5.37 -18.27
C PRO B 385 -31.18 6.57 -17.69
N ILE B 386 -31.06 7.73 -18.33
CA ILE B 386 -31.61 8.94 -17.76
C ILE B 386 -33.15 8.86 -17.64
N LYS B 387 -33.77 8.03 -18.49
CA LYS B 387 -35.20 7.73 -18.40
C LYS B 387 -35.60 6.96 -17.13
N ASN B 388 -34.64 6.28 -16.49
CA ASN B 388 -34.86 5.68 -15.16
C ASN B 388 -35.34 6.68 -14.12
N LEU B 389 -34.90 7.92 -14.23
CA LEU B 389 -35.32 8.98 -13.31
C LEU B 389 -36.80 9.30 -13.48
N GLU B 390 -37.24 9.36 -14.73
CA GLU B 390 -38.62 9.71 -15.06
C GLU B 390 -39.57 8.55 -14.76
N MET B 391 -39.18 7.35 -15.18
CA MET B 391 -40.01 6.13 -14.96
C MET B 391 -40.29 5.87 -13.48
N SER B 392 -39.28 6.07 -12.63
CA SER B 392 -39.44 5.87 -11.18
C SER B 392 -40.47 6.85 -10.57
N GLN B 393 -40.60 8.04 -11.15
CA GLN B 393 -41.57 9.04 -10.68
C GLN B 393 -43.00 8.86 -11.23
N GLN B 394 -43.16 7.94 -12.19
CA GLN B 394 -44.42 7.82 -12.92
C GLN B 394 -45.12 6.48 -12.71
N HIS B 395 -44.82 5.80 -11.60
CA HIS B 395 -45.52 4.57 -11.24
C HIS B 395 -46.85 4.91 -10.57
N HIS B 396 -47.93 4.28 -11.06
CA HIS B 396 -49.28 4.50 -10.55
C HIS B 396 -49.68 3.36 -9.62
N HIS B 397 -50.11 3.70 -8.40
CA HIS B 397 -50.39 2.69 -7.37
C HIS B 397 -51.89 2.57 -7.08
N HIS B 398 -52.32 1.37 -6.69
CA HIS B 398 -53.71 1.09 -6.28
C HIS B 398 -53.70 0.30 -4.97
N HIS B 399 -54.70 0.51 -4.11
CA HIS B 399 -54.82 -0.29 -2.88
C HIS B 399 -55.44 -1.65 -3.21
N HIS B 400 -54.88 -2.71 -2.63
CA HIS B 400 -55.32 -4.09 -2.90
C HIS B 400 -55.63 -4.81 -1.60
#